data_4YVZ
#
_entry.id   4YVZ
#
_cell.length_a   107.490
_cell.length_b   107.490
_cell.length_c   168.790
_cell.angle_alpha   90.00
_cell.angle_beta   90.00
_cell.angle_gamma   90.00
#
_symmetry.space_group_name_H-M   'P 4 21 2'
#
loop_
_entity.id
_entity.type
_entity.pdbx_description
1 polymer 'DNA integrity scanning protein DisA'
2 non-polymer 'MANGANESE (II) ION'
3 non-polymer "3'-DEOXYADENOSINE-5'-TRIPHOSPHATE"
4 water water
#
_entity_poly.entity_id   1
_entity_poly.type   'polypeptide(L)'
_entity_poly.pdbx_seq_one_letter_code
;MGSSHHHHHHSSGLVPRGSHMGVKSLVPQELIEKIKLISPGTELRKALDDIINANFGALIFLVDDPKKYEDVIQGGFWLD
TDFSAEKLYELSKMDGAIVLSEDITKIYYANVHLVPDPTIPTGETGTRHRTAERLAKQTGKVVIAVSRRRNIISLYYKNY
KYVVNQVDFLISKVTQAISTLEKYKDNFNKLLSELEVLELENRVTLADVVRTLAKGFELLRIVEEIRPYIVELGEEGRLA
RMQLRELTEDVDDLLVLLIMDYSSEEVEEETAQNILQDFITRREPSPISISRVLGYDVQQAAQLDDVLVSARGYRLLKTV
ARIPLSIGYNVVRMFKTLDQISKASVEDLKKVEGIGEKRARAISESISSLKHRKTSE
;
_entity_poly.pdbx_strand_id   A,B
#
loop_
_chem_comp.id
_chem_comp.type
_chem_comp.name
_chem_comp.formula
3AT non-polymer 3'-DEOXYADENOSINE-5'-TRIPHOSPHATE 'C10 H16 N5 O12 P3'
MN non-polymer 'MANGANESE (II) ION' 'Mn 2'
#
# COMPACT_ATOMS: atom_id res chain seq x y z
N VAL A 27 -10.50 -9.78 -28.32
CA VAL A 27 -9.93 -10.28 -27.08
C VAL A 27 -9.08 -11.53 -27.33
N PRO A 28 -7.74 -11.39 -27.32
CA PRO A 28 -6.82 -12.49 -27.65
C PRO A 28 -7.11 -13.77 -26.87
N GLN A 29 -6.77 -14.92 -27.45
CA GLN A 29 -7.14 -16.21 -26.90
C GLN A 29 -6.40 -16.50 -25.59
N GLU A 30 -5.11 -16.16 -25.54
CA GLU A 30 -4.32 -16.36 -24.31
C GLU A 30 -4.92 -15.61 -23.10
N LEU A 31 -5.44 -14.41 -23.33
CA LEU A 31 -6.14 -13.66 -22.27
C LEU A 31 -7.49 -14.28 -21.90
N ILE A 32 -8.23 -14.76 -22.90
CA ILE A 32 -9.54 -15.39 -22.68
C ILE A 32 -9.39 -16.59 -21.74
N GLU A 33 -8.29 -17.31 -21.89
CA GLU A 33 -8.02 -18.44 -21.02
C GLU A 33 -7.83 -17.99 -19.56
N LYS A 34 -7.06 -16.92 -19.36
CA LYS A 34 -6.86 -16.35 -18.04
C LYS A 34 -8.18 -15.85 -17.45
N ILE A 35 -9.01 -15.21 -18.27
CA ILE A 35 -10.31 -14.74 -17.81
C ILE A 35 -11.20 -15.89 -17.32
N LYS A 36 -10.93 -17.10 -17.79
CA LYS A 36 -11.77 -18.21 -17.40
C LYS A 36 -11.48 -18.62 -15.96
N LEU A 37 -10.27 -18.33 -15.50
CA LEU A 37 -9.87 -18.64 -14.13
C LEU A 37 -10.79 -18.00 -13.09
N ILE A 38 -11.40 -16.86 -13.42
CA ILE A 38 -12.23 -16.18 -12.44
C ILE A 38 -13.68 -16.06 -12.90
N SER A 39 -14.06 -16.94 -13.83
CA SER A 39 -15.44 -17.03 -14.31
C SER A 39 -16.36 -17.57 -13.23
N PRO A 40 -17.62 -17.07 -13.22
CA PRO A 40 -18.65 -17.57 -12.31
C PRO A 40 -18.70 -19.08 -12.31
N GLY A 41 -18.75 -19.65 -11.12
CA GLY A 41 -18.71 -21.10 -10.97
C GLY A 41 -17.36 -21.67 -10.58
N THR A 42 -16.29 -20.91 -10.75
CA THR A 42 -14.97 -21.35 -10.28
C THR A 42 -14.82 -21.07 -8.80
N GLU A 43 -13.98 -21.86 -8.13
CA GLU A 43 -13.81 -21.67 -6.69
CA GLU A 43 -13.78 -21.68 -6.69
C GLU A 43 -13.06 -20.36 -6.40
N LEU A 44 -12.15 -19.96 -7.30
CA LEU A 44 -11.45 -18.68 -7.19
C LEU A 44 -12.44 -17.50 -7.22
N ARG A 45 -13.40 -17.59 -8.13
CA ARG A 45 -14.41 -16.55 -8.27
C ARG A 45 -15.27 -16.46 -7.00
N LYS A 46 -15.65 -17.63 -6.47
CA LYS A 46 -16.40 -17.67 -5.23
C LYS A 46 -15.61 -16.98 -4.09
N ALA A 47 -14.30 -17.22 -4.02
CA ALA A 47 -13.50 -16.54 -3.02
C ALA A 47 -13.49 -15.03 -3.29
N LEU A 48 -13.23 -14.61 -4.54
CA LEU A 48 -13.18 -13.18 -4.84
C LEU A 48 -14.50 -12.49 -4.49
N ASP A 49 -15.62 -13.14 -4.80
CA ASP A 49 -16.95 -12.62 -4.43
C ASP A 49 -17.11 -12.51 -2.92
N ASP A 50 -16.66 -13.52 -2.18
CA ASP A 50 -16.69 -13.40 -0.72
C ASP A 50 -15.80 -12.23 -0.25
N ILE A 51 -14.63 -12.06 -0.86
CA ILE A 51 -13.74 -10.97 -0.47
C ILE A 51 -14.43 -9.62 -0.73
N ILE A 52 -15.04 -9.47 -1.89
CA ILE A 52 -15.79 -8.27 -2.22
C ILE A 52 -16.95 -8.02 -1.24
N ASN A 53 -17.70 -9.07 -0.92
CA ASN A 53 -18.83 -8.89 -0.04
C ASN A 53 -18.45 -8.36 1.34
N ALA A 54 -17.22 -8.63 1.78
CA ALA A 54 -16.78 -8.15 3.10
C ALA A 54 -15.88 -6.93 2.98
N ASN A 55 -15.70 -6.41 1.78
CA ASN A 55 -14.85 -5.24 1.56
C ASN A 55 -13.44 -5.41 2.09
N PHE A 56 -12.93 -6.62 2.07
CA PHE A 56 -11.49 -6.76 2.14
C PHE A 56 -11.01 -6.37 0.74
N GLY A 57 -9.75 -5.94 0.63
CA GLY A 57 -9.16 -5.80 -0.69
C GLY A 57 -8.36 -7.07 -0.95
N ALA A 58 -7.76 -7.18 -2.13
CA ALA A 58 -6.83 -8.26 -2.39
C ALA A 58 -5.88 -7.90 -3.52
N LEU A 59 -4.73 -8.54 -3.50
CA LEU A 59 -3.71 -8.43 -4.52
C LEU A 59 -3.12 -9.84 -4.67
N ILE A 60 -3.39 -10.47 -5.81
CA ILE A 60 -3.06 -11.88 -6.01
C ILE A 60 -2.15 -12.12 -7.21
N PHE A 61 -1.04 -12.79 -6.95
CA PHE A 61 0.01 -13.08 -7.92
C PHE A 61 -0.04 -14.55 -8.26
N LEU A 62 -0.24 -14.88 -9.53
CA LEU A 62 -0.29 -16.28 -9.96
C LEU A 62 0.99 -16.74 -10.69
N VAL A 63 1.80 -17.59 -10.04
CA VAL A 63 3.01 -18.14 -10.67
C VAL A 63 3.18 -19.62 -10.42
N ASP A 64 3.86 -20.30 -11.34
CA ASP A 64 4.05 -21.73 -11.22
C ASP A 64 5.30 -22.10 -10.43
N ASP A 65 6.36 -21.29 -10.55
CA ASP A 65 7.53 -21.52 -9.69
C ASP A 65 7.92 -20.27 -8.91
N PRO A 66 7.54 -20.24 -7.63
CA PRO A 66 7.80 -19.10 -6.72
C PRO A 66 9.29 -18.72 -6.69
N LYS A 67 10.17 -19.70 -6.82
CA LYS A 67 11.62 -19.47 -6.85
C LYS A 67 12.05 -18.53 -7.99
N LYS A 68 11.52 -18.75 -9.19
CA LYS A 68 11.79 -17.86 -10.32
C LYS A 68 11.47 -16.39 -10.01
N TYR A 69 10.65 -16.16 -8.99
CA TYR A 69 10.11 -14.84 -8.75
C TYR A 69 10.49 -14.34 -7.37
N GLU A 70 11.50 -14.98 -6.79
CA GLU A 70 11.98 -14.68 -5.45
C GLU A 70 12.32 -13.20 -5.24
N ASP A 71 12.63 -12.49 -6.32
CA ASP A 71 13.10 -11.11 -6.21
C ASP A 71 11.96 -10.07 -6.23
N VAL A 72 10.80 -10.42 -6.77
CA VAL A 72 9.63 -9.53 -6.71
C VAL A 72 8.71 -9.86 -5.53
N ILE A 73 8.95 -10.98 -4.86
CA ILE A 73 8.18 -11.40 -3.70
C ILE A 73 9.01 -11.18 -2.44
N GLN A 74 8.54 -10.33 -1.53
CA GLN A 74 9.29 -10.05 -0.29
C GLN A 74 8.42 -10.17 0.94
N GLY A 75 8.99 -10.69 2.01
CA GLY A 75 8.33 -10.68 3.30
C GLY A 75 7.22 -11.70 3.39
N GLY A 76 6.21 -11.40 4.20
CA GLY A 76 5.04 -12.24 4.29
C GLY A 76 5.36 -13.61 4.85
N PHE A 77 4.50 -14.57 4.57
CA PHE A 77 4.65 -15.91 5.09
C PHE A 77 4.64 -16.94 3.95
N TRP A 78 5.63 -17.81 3.95
CA TRP A 78 5.63 -18.96 3.07
C TRP A 78 4.67 -20.01 3.60
N LEU A 79 3.66 -20.37 2.81
CA LEU A 79 2.61 -21.29 3.25
C LEU A 79 2.69 -22.68 2.59
N ASP A 80 2.97 -22.71 1.29
CA ASP A 80 2.99 -23.94 0.50
C ASP A 80 1.84 -24.90 0.85
N THR A 81 0.63 -24.38 0.84
CA THR A 81 -0.52 -25.18 1.25
C THR A 81 -1.60 -25.27 0.14
N ASP A 82 -2.48 -26.25 0.25
CA ASP A 82 -3.53 -26.45 -0.75
C ASP A 82 -4.54 -25.30 -0.78
N PHE A 83 -5.03 -25.01 -1.99
CA PHE A 83 -5.93 -23.88 -2.19
C PHE A 83 -7.35 -24.20 -1.73
N SER A 84 -8.04 -23.20 -1.20
CA SER A 84 -9.49 -23.25 -1.08
C SER A 84 -10.00 -21.82 -0.91
N ALA A 85 -11.28 -21.63 -1.16
CA ALA A 85 -11.86 -20.30 -1.16
C ALA A 85 -11.85 -19.73 0.23
N GLU A 86 -12.18 -20.57 1.21
CA GLU A 86 -12.18 -20.14 2.60
C GLU A 86 -10.77 -19.76 3.06
N LYS A 87 -9.76 -20.52 2.69
CA LYS A 87 -8.40 -20.14 3.07
C LYS A 87 -7.98 -18.82 2.45
N LEU A 88 -8.33 -18.60 1.18
CA LEU A 88 -7.99 -17.38 0.48
C LEU A 88 -8.67 -16.18 1.15
N TYR A 89 -9.95 -16.37 1.46
CA TYR A 89 -10.74 -15.40 2.18
C TYR A 89 -10.04 -14.97 3.47
N GLU A 90 -9.64 -15.96 4.26
CA GLU A 90 -9.06 -15.72 5.56
C GLU A 90 -7.73 -14.97 5.42
N LEU A 91 -6.90 -15.37 4.45
CA LEU A 91 -5.64 -14.68 4.21
C LEU A 91 -5.81 -13.25 3.67
N SER A 92 -6.95 -12.94 3.04
CA SER A 92 -7.17 -11.60 2.50
C SER A 92 -7.52 -10.62 3.61
N LYS A 93 -7.70 -11.12 4.82
CA LYS A 93 -7.90 -10.23 5.96
C LYS A 93 -6.62 -9.47 6.30
N MET A 94 -5.46 -10.04 5.93
CA MET A 94 -4.16 -9.40 6.18
C MET A 94 -3.73 -8.47 5.02
N ASP A 95 -2.87 -7.50 5.30
CA ASP A 95 -2.32 -6.65 4.23
C ASP A 95 -1.53 -7.44 3.20
N GLY A 96 -1.11 -6.74 2.17
CA GLY A 96 -0.14 -7.28 1.23
C GLY A 96 -0.77 -8.16 0.17
N ALA A 97 0.05 -9.04 -0.38
CA ALA A 97 -0.38 -9.83 -1.52
C ALA A 97 -0.33 -11.31 -1.25
N ILE A 98 -1.10 -12.04 -2.04
CA ILE A 98 -1.16 -13.48 -1.90
C ILE A 98 -0.64 -14.09 -3.19
N VAL A 99 0.22 -15.11 -3.08
CA VAL A 99 0.80 -15.76 -4.25
C VAL A 99 0.21 -17.15 -4.42
N LEU A 100 -0.42 -17.38 -5.56
CA LEU A 100 -1.03 -18.67 -5.86
C LEU A 100 -0.30 -19.38 -7.00
N SER A 101 -0.38 -20.70 -7.03
CA SER A 101 0.03 -21.44 -8.22
C SER A 101 -0.93 -21.11 -9.36
N GLU A 102 -0.48 -21.27 -10.61
CA GLU A 102 -1.23 -20.82 -11.77
C GLU A 102 -2.49 -21.64 -12.04
N ASP A 103 -2.49 -22.88 -11.58
CA ASP A 103 -3.66 -23.75 -11.75
C ASP A 103 -4.60 -23.61 -10.56
N ILE A 104 -4.26 -22.68 -9.67
CA ILE A 104 -5.11 -22.36 -8.53
C ILE A 104 -5.31 -23.61 -7.66
N THR A 105 -4.24 -24.39 -7.48
CA THR A 105 -4.29 -25.53 -6.57
C THR A 105 -3.43 -25.36 -5.31
N LYS A 106 -2.50 -24.40 -5.33
CA LYS A 106 -1.61 -24.15 -4.20
C LYS A 106 -1.63 -22.70 -3.77
N ILE A 107 -1.61 -22.46 -2.47
CA ILE A 107 -1.32 -21.12 -1.96
C ILE A 107 0.11 -21.12 -1.46
N TYR A 108 0.96 -20.31 -2.08
CA TYR A 108 2.36 -20.29 -1.72
C TYR A 108 2.66 -19.27 -0.62
N TYR A 109 2.12 -18.07 -0.79
CA TYR A 109 2.48 -16.95 0.08
C TYR A 109 1.29 -16.12 0.52
N ALA A 110 1.40 -15.52 1.69
CA ALA A 110 0.45 -14.50 2.10
C ALA A 110 1.21 -13.35 2.72
N ASN A 111 0.57 -12.18 2.73
CA ASN A 111 1.10 -10.97 3.37
C ASN A 111 2.44 -10.49 2.77
N VAL A 112 2.69 -10.84 1.52
CA VAL A 112 3.95 -10.43 0.92
C VAL A 112 3.90 -9.01 0.35
N HIS A 113 5.09 -8.48 0.21
CA HIS A 113 5.34 -7.18 -0.38
C HIS A 113 5.85 -7.41 -1.80
N LEU A 114 5.05 -7.04 -2.81
CA LEU A 114 5.46 -7.23 -4.19
C LEU A 114 6.26 -6.03 -4.65
N VAL A 115 7.40 -6.27 -5.29
CA VAL A 115 8.29 -5.16 -5.64
C VAL A 115 8.69 -5.16 -7.10
N PRO A 116 7.71 -4.95 -8.00
CA PRO A 116 8.10 -4.98 -9.42
C PRO A 116 8.92 -3.74 -9.74
N ASP A 117 9.69 -3.79 -10.83
CA ASP A 117 10.48 -2.67 -11.32
C ASP A 117 9.68 -1.37 -11.43
N PRO A 118 10.02 -0.38 -10.61
CA PRO A 118 9.29 0.90 -10.56
C PRO A 118 9.31 1.69 -11.87
N THR A 119 10.29 1.48 -12.74
CA THR A 119 10.38 2.24 -14.00
C THR A 119 9.50 1.71 -15.14
N ILE A 120 8.64 0.74 -14.86
CA ILE A 120 7.69 0.24 -15.84
C ILE A 120 6.46 1.16 -15.88
N PRO A 121 6.10 1.66 -17.07
CA PRO A 121 4.97 2.59 -17.16
C PRO A 121 3.68 1.99 -16.64
N THR A 122 2.89 2.78 -15.92
CA THR A 122 1.57 2.34 -15.50
C THR A 122 0.57 3.49 -15.62
N GLY A 123 -0.64 3.16 -16.06
CA GLY A 123 -1.71 4.13 -16.16
C GLY A 123 -2.65 4.08 -14.96
N GLU A 124 -2.30 3.32 -13.94
CA GLU A 124 -3.20 3.16 -12.82
C GLU A 124 -2.92 4.21 -11.75
N THR A 125 -3.93 4.48 -10.93
CA THR A 125 -3.82 5.28 -9.72
C THR A 125 -3.94 4.30 -8.55
N GLY A 126 -3.12 4.48 -7.51
CA GLY A 126 -3.26 3.62 -6.34
C GLY A 126 -2.20 2.56 -6.28
N THR A 127 -1.58 2.39 -5.11
CA THR A 127 -0.40 1.55 -5.02
C THR A 127 -0.70 0.09 -5.36
N ARG A 128 -1.88 -0.40 -4.96
CA ARG A 128 -2.18 -1.79 -5.25
C ARG A 128 -2.39 -2.01 -6.76
N HIS A 129 -3.11 -1.11 -7.44
CA HIS A 129 -3.36 -1.32 -8.86
C HIS A 129 -2.12 -1.06 -9.70
N ARG A 130 -1.34 -0.09 -9.30
CA ARG A 130 -0.09 0.20 -9.97
C ARG A 130 0.87 -0.98 -9.82
N THR A 131 0.87 -1.59 -8.64
CA THR A 131 1.74 -2.72 -8.38
C THR A 131 1.32 -3.86 -9.27
N ALA A 132 0.01 -4.05 -9.33
CA ALA A 132 -0.60 -5.12 -10.10
C ALA A 132 -0.22 -5.04 -11.59
N GLU A 133 -0.41 -3.87 -12.20
CA GLU A 133 -0.05 -3.72 -13.60
C GLU A 133 1.45 -3.92 -13.87
N ARG A 134 2.29 -3.24 -13.09
CA ARG A 134 3.73 -3.34 -13.29
C ARG A 134 4.20 -4.78 -13.15
N LEU A 135 3.66 -5.48 -12.17
CA LEU A 135 4.04 -6.85 -11.94
C LEU A 135 3.59 -7.77 -13.09
N ALA A 136 2.41 -7.52 -13.63
CA ALA A 136 1.90 -8.37 -14.71
C ALA A 136 2.77 -8.20 -15.93
N LYS A 137 3.13 -6.95 -16.22
CA LYS A 137 3.97 -6.63 -17.36
C LYS A 137 5.38 -7.23 -17.22
N GLN A 138 5.91 -7.19 -16.01
CA GLN A 138 7.31 -7.57 -15.80
C GLN A 138 7.53 -9.09 -15.88
N THR A 139 6.50 -9.87 -15.56
CA THR A 139 6.66 -11.31 -15.33
C THR A 139 5.94 -12.16 -16.36
N GLY A 140 4.97 -11.54 -17.03
CA GLY A 140 4.12 -12.23 -17.98
C GLY A 140 3.08 -13.10 -17.30
N LYS A 141 2.85 -12.85 -16.02
CA LYS A 141 1.92 -13.65 -15.24
C LYS A 141 0.63 -12.89 -14.99
N VAL A 142 -0.34 -13.59 -14.41
CA VAL A 142 -1.59 -12.98 -14.00
C VAL A 142 -1.51 -12.33 -12.60
N VAL A 143 -2.01 -11.11 -12.51
CA VAL A 143 -2.13 -10.46 -11.22
C VAL A 143 -3.54 -9.88 -11.10
N ILE A 144 -4.24 -10.33 -10.06
CA ILE A 144 -5.59 -9.88 -9.77
C ILE A 144 -5.61 -8.87 -8.63
N ALA A 145 -6.21 -7.71 -8.87
CA ALA A 145 -6.40 -6.72 -7.83
C ALA A 145 -7.88 -6.61 -7.51
N VAL A 146 -8.22 -6.70 -6.23
CA VAL A 146 -9.57 -6.45 -5.81
C VAL A 146 -9.62 -5.18 -4.96
N SER A 147 -10.23 -4.14 -5.52
CA SER A 147 -10.43 -2.88 -4.80
C SER A 147 -11.24 -3.04 -3.52
N ARG A 148 -10.68 -2.52 -2.43
CA ARG A 148 -11.23 -2.71 -1.10
C ARG A 148 -12.62 -2.10 -0.92
N ARG A 149 -12.84 -0.87 -1.38
CA ARG A 149 -14.14 -0.26 -1.15
C ARG A 149 -14.95 -0.03 -2.42
N ARG A 150 -14.33 -0.20 -3.60
CA ARG A 150 -15.06 -0.07 -4.87
C ARG A 150 -15.57 -1.41 -5.39
N ASN A 151 -15.09 -2.50 -4.79
CA ASN A 151 -15.59 -3.83 -5.13
C ASN A 151 -15.46 -4.16 -6.63
N ILE A 152 -14.33 -3.76 -7.20
CA ILE A 152 -13.98 -4.08 -8.58
C ILE A 152 -12.89 -5.13 -8.63
N ILE A 153 -13.03 -6.12 -9.51
CA ILE A 153 -11.99 -7.08 -9.75
C ILE A 153 -11.23 -6.76 -11.05
N SER A 154 -9.95 -6.49 -10.93
CA SER A 154 -9.16 -6.14 -12.09
C SER A 154 -8.17 -7.25 -12.37
N LEU A 155 -8.19 -7.76 -13.59
CA LEU A 155 -7.23 -8.79 -13.92
C LEU A 155 -6.19 -8.18 -14.85
N TYR A 156 -4.91 -8.36 -14.51
CA TYR A 156 -3.81 -7.92 -15.36
C TYR A 156 -3.02 -9.13 -15.87
N TYR A 157 -2.77 -9.15 -17.16
CA TYR A 157 -1.96 -10.22 -17.70
C TYR A 157 -1.14 -9.67 -18.86
N LYS A 158 0.17 -9.84 -18.75
CA LYS A 158 1.11 -9.21 -19.67
C LYS A 158 0.76 -7.73 -19.76
N ASN A 159 0.35 -7.29 -20.95
CA ASN A 159 0.01 -5.89 -21.18
C ASN A 159 -1.49 -5.62 -21.24
N TYR A 160 -2.28 -6.63 -20.88
CA TYR A 160 -3.74 -6.51 -20.90
C TYR A 160 -4.33 -6.19 -19.52
N LYS A 161 -5.46 -5.48 -19.52
CA LYS A 161 -6.22 -5.25 -18.31
C LYS A 161 -7.69 -5.62 -18.54
N TYR A 162 -8.15 -6.68 -17.89
CA TYR A 162 -9.55 -7.04 -17.94
C TYR A 162 -10.24 -6.73 -16.63
N VAL A 163 -11.25 -5.87 -16.69
CA VAL A 163 -12.08 -5.60 -15.52
C VAL A 163 -13.22 -6.58 -15.57
N VAL A 164 -13.46 -7.27 -14.46
CA VAL A 164 -14.49 -8.29 -14.40
C VAL A 164 -15.87 -7.70 -14.16
N ASN A 165 -16.81 -8.08 -15.01
CA ASN A 165 -18.21 -7.71 -14.78
C ASN A 165 -18.84 -8.63 -13.76
N GLN A 166 -19.68 -8.07 -12.91
CA GLN A 166 -20.50 -8.85 -12.01
C GLN A 166 -21.54 -9.63 -12.79
N VAL A 167 -21.98 -10.78 -12.26
CA VAL A 167 -22.90 -11.65 -12.99
C VAL A 167 -24.22 -10.98 -13.35
N ASP A 168 -24.81 -10.22 -12.44
CA ASP A 168 -26.10 -9.59 -12.71
C ASP A 168 -26.02 -8.64 -13.91
N PHE A 169 -24.85 -8.03 -14.10
CA PHE A 169 -24.65 -7.13 -15.20
C PHE A 169 -24.61 -7.92 -16.51
N LEU A 170 -23.85 -9.01 -16.48
CA LEU A 170 -23.72 -9.92 -17.62
C LEU A 170 -25.05 -10.56 -18.01
N ILE A 171 -25.75 -11.11 -17.01
CA ILE A 171 -27.05 -11.74 -17.20
C ILE A 171 -28.05 -10.73 -17.76
N SER A 172 -27.94 -9.48 -17.33
CA SER A 172 -28.81 -8.45 -17.86
C SER A 172 -28.53 -8.22 -19.35
N LYS A 173 -27.25 -8.08 -19.70
CA LYS A 173 -26.85 -7.87 -21.09
C LYS A 173 -27.29 -9.01 -21.99
N VAL A 174 -26.98 -10.22 -21.54
CA VAL A 174 -27.27 -11.44 -22.25
C VAL A 174 -28.80 -11.61 -22.44
N THR A 175 -29.54 -11.36 -21.37
CA THR A 175 -30.99 -11.43 -21.39
C THR A 175 -31.59 -10.44 -22.38
N GLN A 176 -31.12 -9.20 -22.32
CA GLN A 176 -31.58 -8.18 -23.26
C GLN A 176 -31.24 -8.58 -24.71
N ALA A 177 -30.04 -9.11 -24.91
CA ALA A 177 -29.58 -9.52 -26.23
C ALA A 177 -30.43 -10.65 -26.83
N ILE A 178 -30.76 -11.66 -26.03
CA ILE A 178 -31.66 -12.72 -26.45
C ILE A 178 -33.06 -12.19 -26.82
N SER A 179 -33.59 -11.26 -26.01
CA SER A 179 -34.85 -10.60 -26.30
C SER A 179 -34.82 -9.92 -27.66
N THR A 180 -33.70 -9.23 -27.92
CA THR A 180 -33.48 -8.54 -29.19
C THR A 180 -33.45 -9.54 -30.35
N LEU A 181 -32.71 -10.62 -30.16
CA LEU A 181 -32.67 -11.69 -31.12
C LEU A 181 -34.04 -12.29 -31.44
N GLU A 182 -34.90 -12.43 -30.43
CA GLU A 182 -36.26 -12.91 -30.64
C GLU A 182 -36.97 -11.99 -31.61
N LYS A 183 -36.82 -10.69 -31.39
CA LYS A 183 -37.41 -9.68 -32.25
C LYS A 183 -36.89 -9.75 -33.67
N TYR A 184 -35.60 -9.99 -33.83
CA TYR A 184 -35.01 -10.09 -35.17
C TYR A 184 -35.46 -11.36 -35.85
N LYS A 185 -35.52 -12.44 -35.07
CA LYS A 185 -35.84 -13.75 -35.58
C LYS A 185 -37.29 -13.78 -36.03
N ASP A 186 -38.16 -13.12 -35.28
CA ASP A 186 -39.55 -13.01 -35.70
C ASP A 186 -39.66 -12.32 -37.05
N ASN A 187 -39.05 -11.15 -37.21
CA ASN A 187 -39.05 -10.46 -38.49
C ASN A 187 -38.40 -11.28 -39.61
N PHE A 188 -37.39 -12.08 -39.27
CA PHE A 188 -36.73 -12.92 -40.25
C PHE A 188 -37.66 -14.01 -40.79
N ASN A 189 -38.37 -14.70 -39.89
CA ASN A 189 -39.36 -15.72 -40.24
C ASN A 189 -40.50 -15.15 -41.09
N LYS A 190 -40.98 -13.96 -40.71
CA LYS A 190 -42.04 -13.30 -41.43
C LYS A 190 -41.59 -12.92 -42.85
N LEU A 191 -40.37 -12.39 -42.96
CA LEU A 191 -39.77 -12.07 -44.26
C LEU A 191 -39.65 -13.31 -45.14
N LEU A 192 -39.15 -14.36 -44.54
CA LEU A 192 -38.88 -15.60 -45.25
C LEU A 192 -40.17 -16.30 -45.69
N SER A 193 -41.22 -16.22 -44.90
CA SER A 193 -42.44 -16.90 -45.25
C SER A 193 -43.10 -16.16 -46.41
N GLU A 194 -42.93 -14.85 -46.43
CA GLU A 194 -43.40 -14.06 -47.57
C GLU A 194 -42.56 -14.35 -48.83
N LEU A 195 -41.25 -14.54 -48.66
CA LEU A 195 -40.39 -14.89 -49.78
C LEU A 195 -40.75 -16.28 -50.35
N GLU A 196 -41.21 -17.18 -49.50
CA GLU A 196 -41.60 -18.51 -49.91
C GLU A 196 -42.75 -18.44 -50.91
N VAL A 197 -43.71 -17.60 -50.60
CA VAL A 197 -44.89 -17.42 -51.44
C VAL A 197 -44.47 -16.89 -52.81
N LEU A 198 -43.72 -15.80 -52.78
CA LEU A 198 -43.18 -15.22 -54.00
C LEU A 198 -42.36 -16.24 -54.82
N GLU A 199 -41.69 -17.15 -54.13
CA GLU A 199 -40.77 -18.08 -54.75
C GLU A 199 -41.56 -19.19 -55.42
N LEU A 200 -42.63 -19.62 -54.77
CA LEU A 200 -43.53 -20.63 -55.30
C LEU A 200 -44.35 -20.11 -56.51
N GLU A 201 -44.52 -18.81 -56.58
CA GLU A 201 -45.25 -18.18 -57.67
C GLU A 201 -44.32 -17.48 -58.65
N ASN A 202 -43.01 -17.62 -58.47
CA ASN A 202 -42.05 -17.04 -59.40
C ASN A 202 -42.24 -15.53 -59.59
N ARG A 203 -42.51 -14.83 -58.49
CA ARG A 203 -42.72 -13.38 -58.49
C ARG A 203 -41.71 -12.65 -57.60
N VAL A 204 -40.49 -13.17 -57.52
CA VAL A 204 -39.48 -12.65 -56.62
C VAL A 204 -38.64 -11.53 -57.24
N THR A 205 -38.53 -10.40 -56.53
CA THR A 205 -37.57 -9.37 -56.91
C THR A 205 -36.34 -9.44 -56.03
N LEU A 206 -35.27 -8.80 -56.50
CA LEU A 206 -34.02 -8.74 -55.76
C LEU A 206 -34.22 -8.06 -54.39
N ALA A 207 -35.12 -7.08 -54.34
CA ALA A 207 -35.48 -6.39 -53.11
C ALA A 207 -35.93 -7.37 -52.03
N ASP A 208 -36.71 -8.35 -52.45
CA ASP A 208 -37.30 -9.31 -51.53
C ASP A 208 -36.20 -10.15 -50.90
N VAL A 209 -35.27 -10.60 -51.74
CA VAL A 209 -34.15 -11.41 -51.30
C VAL A 209 -33.22 -10.62 -50.40
N VAL A 210 -32.80 -9.44 -50.86
CA VAL A 210 -31.81 -8.66 -50.14
C VAL A 210 -32.33 -8.27 -48.75
N ARG A 211 -33.64 -8.00 -48.68
CA ARG A 211 -34.29 -7.66 -47.42
C ARG A 211 -34.22 -8.84 -46.46
N THR A 212 -34.43 -10.05 -46.98
CA THR A 212 -34.38 -11.26 -46.17
C THR A 212 -32.96 -11.60 -45.69
N LEU A 213 -31.99 -11.44 -46.58
CA LEU A 213 -30.58 -11.65 -46.26
C LEU A 213 -30.08 -10.66 -45.22
N ALA A 214 -30.49 -9.40 -45.38
CA ALA A 214 -30.06 -8.35 -44.46
C ALA A 214 -30.46 -8.65 -43.02
N LYS A 215 -31.70 -9.12 -42.83
CA LYS A 215 -32.20 -9.47 -41.51
C LYS A 215 -31.44 -10.62 -40.90
N GLY A 216 -31.18 -11.64 -41.71
CA GLY A 216 -30.38 -12.77 -41.29
C GLY A 216 -28.98 -12.36 -40.88
N PHE A 217 -28.36 -11.46 -41.66
CA PHE A 217 -27.01 -11.02 -41.33
C PHE A 217 -27.01 -10.24 -40.02
N GLU A 218 -27.98 -9.33 -39.87
CA GLU A 218 -28.05 -8.50 -38.68
C GLU A 218 -28.25 -9.38 -37.45
N LEU A 219 -29.12 -10.37 -37.60
CA LEU A 219 -29.37 -11.37 -36.58
C LEU A 219 -28.11 -12.08 -36.12
N LEU A 220 -27.36 -12.63 -37.07
CA LEU A 220 -26.17 -13.38 -36.76
C LEU A 220 -25.11 -12.47 -36.18
N ARG A 221 -25.12 -11.22 -36.61
CA ARG A 221 -24.24 -10.20 -36.03
C ARG A 221 -24.45 -10.02 -34.52
N ILE A 222 -25.70 -9.93 -34.08
CA ILE A 222 -26.03 -9.77 -32.66
C ILE A 222 -25.42 -10.91 -31.85
N VAL A 223 -25.59 -12.13 -32.36
CA VAL A 223 -25.00 -13.31 -31.73
C VAL A 223 -23.49 -13.15 -31.58
N GLU A 224 -22.84 -12.65 -32.63
CA GLU A 224 -21.39 -12.44 -32.60
C GLU A 224 -20.98 -11.47 -31.49
N GLU A 225 -21.61 -10.31 -31.46
CA GLU A 225 -21.30 -9.32 -30.42
C GLU A 225 -21.63 -9.77 -29.00
N ILE A 226 -22.55 -10.72 -28.82
CA ILE A 226 -22.92 -11.12 -27.48
C ILE A 226 -22.03 -12.26 -26.96
N ARG A 227 -21.28 -12.91 -27.85
CA ARG A 227 -20.46 -14.06 -27.44
C ARG A 227 -19.49 -13.79 -26.26
N PRO A 228 -18.72 -12.67 -26.31
CA PRO A 228 -17.81 -12.47 -25.18
C PRO A 228 -18.51 -12.33 -23.84
N TYR A 229 -19.73 -11.80 -23.84
CA TYR A 229 -20.51 -11.75 -22.60
C TYR A 229 -20.87 -13.15 -22.11
N ILE A 230 -21.20 -14.03 -23.05
CA ILE A 230 -21.61 -15.37 -22.70
C ILE A 230 -20.41 -16.19 -22.26
N VAL A 231 -19.27 -15.96 -22.91
CA VAL A 231 -18.05 -16.61 -22.49
C VAL A 231 -17.69 -16.21 -21.06
N GLU A 232 -17.73 -14.91 -20.77
CA GLU A 232 -17.36 -14.44 -19.44
C GLU A 232 -18.30 -14.97 -18.35
N LEU A 233 -19.49 -15.43 -18.75
CA LEU A 233 -20.45 -15.98 -17.78
C LEU A 233 -20.02 -17.38 -17.32
N GLY A 234 -19.12 -17.99 -18.09
CA GLY A 234 -18.67 -19.33 -17.80
C GLY A 234 -19.80 -20.30 -17.58
N GLU A 235 -19.77 -20.97 -16.44
CA GLU A 235 -20.74 -21.98 -16.10
C GLU A 235 -22.15 -21.38 -15.97
N GLU A 236 -22.25 -20.10 -15.63
CA GLU A 236 -23.55 -19.49 -15.45
C GLU A 236 -24.17 -19.06 -16.76
N GLY A 237 -23.49 -19.36 -17.87
CA GLY A 237 -24.03 -19.02 -19.18
C GLY A 237 -24.52 -20.21 -19.98
N ARG A 238 -24.83 -21.32 -19.29
CA ARG A 238 -25.27 -22.51 -20.00
C ARG A 238 -26.64 -22.31 -20.67
N LEU A 239 -27.63 -21.87 -19.92
CA LEU A 239 -28.97 -21.63 -20.46
C LEU A 239 -28.97 -20.58 -21.57
N ALA A 240 -28.21 -19.51 -21.38
CA ALA A 240 -28.03 -18.52 -22.43
C ALA A 240 -27.58 -19.17 -23.75
N ARG A 241 -26.61 -20.08 -23.67
CA ARG A 241 -26.07 -20.76 -24.85
C ARG A 241 -27.13 -21.58 -25.56
N MET A 242 -27.93 -22.29 -24.77
CA MET A 242 -29.02 -23.10 -25.28
C MET A 242 -30.09 -22.24 -25.98
N GLN A 243 -30.39 -21.09 -25.40
CA GLN A 243 -31.34 -20.17 -26.02
C GLN A 243 -30.80 -19.63 -27.32
N LEU A 244 -29.53 -19.23 -27.31
CA LEU A 244 -28.92 -18.71 -28.51
C LEU A 244 -28.97 -19.77 -29.59
N ARG A 245 -28.66 -21.00 -29.20
CA ARG A 245 -28.67 -22.13 -30.13
C ARG A 245 -30.07 -22.41 -30.68
N GLU A 246 -31.10 -22.49 -29.82
CA GLU A 246 -32.45 -22.74 -30.34
C GLU A 246 -32.92 -21.60 -31.22
N LEU A 247 -32.55 -20.38 -30.92
CA LEU A 247 -32.98 -19.24 -31.71
C LEU A 247 -32.37 -19.15 -33.11
N THR A 248 -31.12 -19.56 -33.26
CA THR A 248 -30.34 -19.20 -34.45
C THR A 248 -29.70 -20.35 -35.20
N GLU A 249 -29.71 -21.55 -34.63
CA GLU A 249 -28.94 -22.66 -35.20
C GLU A 249 -29.19 -22.87 -36.70
N ASP A 250 -30.44 -22.78 -37.16
CA ASP A 250 -30.73 -23.10 -38.57
C ASP A 250 -30.62 -21.91 -39.54
N VAL A 251 -30.33 -20.73 -39.01
CA VAL A 251 -30.33 -19.52 -39.81
C VAL A 251 -29.22 -19.50 -40.86
N ASP A 252 -28.01 -19.85 -40.45
CA ASP A 252 -26.83 -19.74 -41.33
C ASP A 252 -26.96 -20.68 -42.53
N ASP A 253 -27.48 -21.88 -42.30
CA ASP A 253 -27.72 -22.85 -43.36
C ASP A 253 -28.65 -22.25 -44.40
N LEU A 254 -29.60 -21.51 -43.90
CA LEU A 254 -30.68 -20.97 -44.68
C LEU A 254 -30.18 -19.79 -45.51
N LEU A 255 -29.42 -18.91 -44.88
CA LEU A 255 -28.80 -17.78 -45.57
C LEU A 255 -27.88 -18.22 -46.70
N VAL A 256 -27.13 -19.29 -46.45
CA VAL A 256 -26.23 -19.83 -47.46
C VAL A 256 -27.05 -20.34 -48.65
N LEU A 257 -28.10 -21.08 -48.37
CA LEU A 257 -28.93 -21.63 -49.44
C LEU A 257 -29.62 -20.50 -50.19
N LEU A 258 -29.92 -19.40 -49.51
CA LEU A 258 -30.56 -18.28 -50.19
C LEU A 258 -29.55 -17.65 -51.14
N ILE A 259 -28.29 -17.62 -50.73
CA ILE A 259 -27.25 -17.04 -51.57
C ILE A 259 -26.98 -17.92 -52.79
N MET A 260 -26.99 -19.23 -52.60
CA MET A 260 -26.87 -20.16 -53.72
C MET A 260 -28.06 -20.09 -54.66
N ASP A 261 -29.22 -19.71 -54.13
CA ASP A 261 -30.43 -19.66 -54.92
C ASP A 261 -30.55 -18.36 -55.73
N TYR A 262 -30.00 -17.26 -55.22
CA TYR A 262 -30.26 -15.96 -55.83
C TYR A 262 -29.05 -15.15 -56.32
N SER A 263 -27.83 -15.68 -56.22
CA SER A 263 -26.71 -14.87 -56.72
C SER A 263 -26.77 -14.80 -58.24
N SER A 264 -25.99 -13.90 -58.82
CA SER A 264 -26.04 -13.64 -60.27
C SER A 264 -25.78 -14.92 -61.05
N GLU A 265 -24.65 -15.55 -60.78
CA GLU A 265 -24.40 -16.85 -61.39
C GLU A 265 -24.10 -17.95 -60.35
N GLU A 266 -24.17 -19.20 -60.81
CA GLU A 266 -23.86 -20.40 -60.02
C GLU A 266 -22.75 -20.15 -59.01
N VAL A 267 -22.92 -20.68 -57.80
CA VAL A 267 -22.00 -20.45 -56.69
C VAL A 267 -21.86 -21.71 -55.84
N GLU A 268 -20.63 -22.10 -55.55
CA GLU A 268 -20.39 -23.23 -54.66
C GLU A 268 -20.90 -22.88 -53.27
N GLU A 269 -21.33 -23.89 -52.52
CA GLU A 269 -21.69 -23.72 -51.12
C GLU A 269 -20.60 -22.97 -50.36
N GLU A 270 -19.35 -23.31 -50.63
CA GLU A 270 -18.22 -22.71 -49.92
C GLU A 270 -18.11 -21.21 -50.18
N THR A 271 -18.30 -20.82 -51.43
CA THR A 271 -18.36 -19.41 -51.81
C THR A 271 -19.44 -18.69 -50.99
N ALA A 272 -20.60 -19.34 -50.90
CA ALA A 272 -21.76 -18.77 -50.22
C ALA A 272 -21.50 -18.61 -48.71
N GLN A 273 -20.94 -19.65 -48.10
CA GLN A 273 -20.51 -19.59 -46.71
C GLN A 273 -19.52 -18.46 -46.47
N ASN A 274 -18.65 -18.21 -47.45
CA ASN A 274 -17.70 -17.11 -47.35
C ASN A 274 -18.39 -15.75 -47.37
N ILE A 275 -19.31 -15.58 -48.31
CA ILE A 275 -20.16 -14.39 -48.38
C ILE A 275 -20.83 -14.13 -47.03
N LEU A 276 -21.43 -15.18 -46.48
CA LEU A 276 -22.06 -15.11 -45.16
C LEU A 276 -21.09 -14.58 -44.10
N GLN A 277 -19.96 -15.26 -43.96
CA GLN A 277 -18.92 -14.91 -43.00
C GLN A 277 -18.56 -13.43 -43.09
N ASP A 278 -18.40 -12.94 -44.31
CA ASP A 278 -18.03 -11.55 -44.51
C ASP A 278 -19.09 -10.56 -43.99
N PHE A 279 -20.34 -10.70 -44.42
CA PHE A 279 -21.42 -9.80 -43.99
C PHE A 279 -21.77 -9.87 -42.49
N ILE A 280 -21.40 -10.98 -41.84
CA ILE A 280 -21.45 -11.07 -40.40
C ILE A 280 -20.41 -10.15 -39.77
N THR A 281 -19.19 -10.29 -40.27
CA THR A 281 -18.01 -9.70 -39.66
C THR A 281 -17.56 -8.42 -40.36
N ARG A 282 -16.89 -8.56 -41.50
CA ARG A 282 -16.13 -7.46 -42.10
C ARG A 282 -16.96 -6.38 -42.79
N ARG A 283 -18.04 -6.77 -43.48
CA ARG A 283 -18.82 -5.84 -44.31
C ARG A 283 -20.22 -5.51 -43.77
N GLU A 284 -20.67 -4.27 -43.96
CA GLU A 284 -21.96 -3.84 -43.44
C GLU A 284 -23.08 -4.18 -44.41
N PRO A 285 -24.10 -4.91 -43.91
CA PRO A 285 -25.15 -5.47 -44.76
C PRO A 285 -26.10 -4.41 -45.31
N SER A 286 -25.60 -3.50 -46.13
CA SER A 286 -26.47 -2.52 -46.77
C SER A 286 -27.14 -3.18 -47.97
N PRO A 287 -28.34 -2.72 -48.34
CA PRO A 287 -29.07 -3.34 -49.45
C PRO A 287 -28.29 -3.33 -50.76
N ILE A 288 -27.61 -2.22 -51.02
CA ILE A 288 -26.79 -2.09 -52.22
C ILE A 288 -25.55 -2.97 -52.10
N SER A 289 -24.90 -2.95 -50.94
CA SER A 289 -23.73 -3.79 -50.75
C SER A 289 -24.02 -5.26 -51.01
N ILE A 290 -25.10 -5.77 -50.42
CA ILE A 290 -25.50 -7.17 -50.61
C ILE A 290 -25.86 -7.48 -52.06
N SER A 291 -26.64 -6.61 -52.69
CA SER A 291 -27.01 -6.80 -54.08
C SER A 291 -25.77 -6.92 -54.96
N ARG A 292 -24.77 -6.09 -54.70
CA ARG A 292 -23.56 -6.10 -55.52
C ARG A 292 -22.65 -7.30 -55.22
N VAL A 293 -22.52 -7.68 -53.96
CA VAL A 293 -21.74 -8.88 -53.64
C VAL A 293 -22.47 -10.11 -54.22
N LEU A 294 -23.77 -9.99 -54.41
CA LEU A 294 -24.56 -11.06 -55.02
C LEU A 294 -24.39 -11.06 -56.53
N GLY A 295 -23.65 -10.08 -57.05
CA GLY A 295 -23.32 -10.03 -58.46
C GLY A 295 -24.27 -9.21 -59.32
N TYR A 296 -25.09 -8.36 -58.71
CA TYR A 296 -26.01 -7.51 -59.46
C TYR A 296 -25.51 -6.07 -59.46
N ASP A 297 -25.47 -5.48 -60.66
CA ASP A 297 -24.94 -4.14 -60.88
C ASP A 297 -25.97 -3.05 -60.53
N VAL A 298 -26.15 -2.77 -59.24
CA VAL A 298 -27.12 -1.79 -58.80
C VAL A 298 -26.45 -0.58 -58.11
N GLN A 299 -26.83 0.63 -58.50
CA GLN A 299 -26.33 1.86 -57.89
C GLN A 299 -27.18 2.31 -56.69
N GLN A 300 -28.49 2.45 -56.91
CA GLN A 300 -29.35 2.99 -55.88
C GLN A 300 -30.46 2.01 -55.49
N ALA A 301 -30.84 2.05 -54.22
CA ALA A 301 -31.63 1.00 -53.59
C ALA A 301 -33.01 0.78 -54.22
N ALA A 302 -33.59 1.81 -54.82
CA ALA A 302 -34.94 1.68 -55.38
C ALA A 302 -34.92 0.86 -56.66
N GLN A 303 -33.73 0.63 -57.21
CA GLN A 303 -33.59 -0.24 -58.36
C GLN A 303 -33.95 -1.68 -58.02
N LEU A 304 -33.72 -2.09 -56.77
CA LEU A 304 -33.89 -3.48 -56.34
C LEU A 304 -35.34 -3.96 -56.51
N ASP A 305 -36.27 -3.01 -56.48
CA ASP A 305 -37.68 -3.29 -56.67
C ASP A 305 -37.95 -3.76 -58.09
N ASP A 306 -37.02 -3.44 -59.00
CA ASP A 306 -37.27 -3.59 -60.44
C ASP A 306 -36.56 -4.80 -61.04
N VAL A 307 -35.59 -5.35 -60.32
CA VAL A 307 -34.85 -6.51 -60.80
C VAL A 307 -35.60 -7.80 -60.45
N LEU A 308 -36.03 -8.54 -61.48
CA LEU A 308 -36.73 -9.80 -61.30
C LEU A 308 -35.72 -10.94 -61.16
N VAL A 309 -35.93 -11.84 -60.21
CA VAL A 309 -35.05 -12.99 -60.03
C VAL A 309 -35.82 -14.29 -59.83
N SER A 310 -35.19 -15.40 -60.17
CA SER A 310 -35.75 -16.72 -59.90
C SER A 310 -34.80 -17.56 -59.07
N ALA A 311 -35.34 -18.24 -58.07
CA ALA A 311 -34.54 -19.13 -57.25
C ALA A 311 -34.12 -20.35 -58.06
N ARG A 312 -32.84 -20.69 -57.93
CA ARG A 312 -32.27 -21.87 -58.55
C ARG A 312 -32.96 -23.15 -58.05
N GLY A 313 -33.32 -23.17 -56.77
CA GLY A 313 -34.04 -24.30 -56.22
C GLY A 313 -33.35 -25.08 -55.12
N TYR A 314 -32.12 -24.71 -54.78
CA TYR A 314 -31.33 -25.41 -53.76
C TYR A 314 -32.00 -25.41 -52.39
N ARG A 315 -32.58 -24.30 -52.01
CA ARG A 315 -33.11 -24.20 -50.65
C ARG A 315 -34.24 -25.21 -50.49
N LEU A 316 -35.12 -25.23 -51.47
CA LEU A 316 -36.26 -26.13 -51.39
C LEU A 316 -35.80 -27.58 -51.56
N LEU A 317 -34.81 -27.78 -52.41
CA LEU A 317 -34.29 -29.12 -52.67
C LEU A 317 -33.66 -29.76 -51.44
N LYS A 318 -32.91 -28.98 -50.67
CA LYS A 318 -32.22 -29.54 -49.51
C LYS A 318 -33.14 -29.60 -48.29
N THR A 319 -33.87 -28.52 -48.05
CA THR A 319 -34.63 -28.37 -46.82
C THR A 319 -35.95 -29.13 -46.85
N VAL A 320 -36.55 -29.23 -48.02
CA VAL A 320 -37.86 -29.85 -48.13
C VAL A 320 -37.83 -31.21 -48.84
N ALA A 321 -37.05 -31.31 -49.92
CA ALA A 321 -36.96 -32.58 -50.65
C ALA A 321 -35.88 -33.47 -50.05
N ARG A 322 -35.14 -32.93 -49.10
CA ARG A 322 -34.02 -33.60 -48.48
C ARG A 322 -33.07 -34.22 -49.51
N ILE A 323 -32.73 -33.41 -50.52
CA ILE A 323 -31.76 -33.77 -51.54
C ILE A 323 -30.40 -33.17 -51.18
N PRO A 324 -29.36 -34.01 -51.10
CA PRO A 324 -28.04 -33.48 -50.71
C PRO A 324 -27.53 -32.47 -51.73
N LEU A 325 -26.83 -31.44 -51.27
CA LEU A 325 -26.32 -30.38 -52.14
C LEU A 325 -25.59 -30.90 -53.38
N SER A 326 -24.74 -31.90 -53.18
CA SER A 326 -23.98 -32.50 -54.28
C SER A 326 -24.88 -32.99 -55.41
N ILE A 327 -25.97 -33.65 -55.06
CA ILE A 327 -26.90 -34.15 -56.06
C ILE A 327 -27.84 -33.02 -56.52
N GLY A 328 -27.89 -31.96 -55.71
CA GLY A 328 -28.71 -30.80 -56.02
C GLY A 328 -28.12 -29.99 -57.16
N TYR A 329 -26.78 -29.90 -57.18
CA TYR A 329 -26.06 -29.27 -58.29
C TYR A 329 -26.54 -29.82 -59.63
N ASN A 330 -26.80 -31.12 -59.68
CA ASN A 330 -27.21 -31.76 -60.94
C ASN A 330 -28.61 -31.39 -61.35
N VAL A 331 -29.52 -31.29 -60.38
CA VAL A 331 -30.91 -31.01 -60.71
C VAL A 331 -30.94 -29.61 -61.29
N VAL A 332 -30.26 -28.72 -60.57
CA VAL A 332 -30.18 -27.34 -60.98
C VAL A 332 -29.44 -27.18 -62.33
N ARG A 333 -28.35 -27.91 -62.52
CA ARG A 333 -27.65 -27.92 -63.80
C ARG A 333 -28.61 -28.26 -64.94
N MET A 334 -29.44 -29.28 -64.74
CA MET A 334 -30.39 -29.68 -65.76
C MET A 334 -31.65 -28.79 -65.89
N PHE A 335 -32.17 -28.26 -64.78
CA PHE A 335 -33.47 -27.58 -64.84
C PHE A 335 -33.37 -26.07 -64.66
N LYS A 336 -32.20 -25.61 -64.23
CA LYS A 336 -31.90 -24.18 -64.07
C LYS A 336 -32.67 -23.49 -62.92
N THR A 337 -34.00 -23.48 -62.98
CA THR A 337 -34.76 -22.81 -61.94
C THR A 337 -35.74 -23.74 -61.23
N LEU A 338 -36.08 -23.36 -60.00
CA LEU A 338 -37.13 -23.99 -59.22
C LEU A 338 -38.46 -24.01 -59.97
N ASP A 339 -38.75 -22.93 -60.69
CA ASP A 339 -39.93 -22.88 -61.53
C ASP A 339 -39.96 -24.06 -62.48
N GLN A 340 -38.83 -24.34 -63.11
CA GLN A 340 -38.75 -25.44 -64.06
C GLN A 340 -38.80 -26.78 -63.36
N ILE A 341 -38.10 -26.92 -62.23
CA ILE A 341 -38.20 -28.12 -61.40
C ILE A 341 -39.65 -28.46 -61.00
N SER A 342 -40.45 -27.45 -60.68
CA SER A 342 -41.83 -27.66 -60.28
C SER A 342 -42.73 -28.10 -61.44
N LYS A 343 -42.28 -27.86 -62.67
CA LYS A 343 -43.07 -28.22 -63.83
C LYS A 343 -42.68 -29.61 -64.33
N ALA A 344 -41.56 -30.12 -63.84
CA ALA A 344 -41.08 -31.42 -64.27
C ALA A 344 -41.94 -32.56 -63.74
N SER A 345 -42.16 -33.56 -64.59
CA SER A 345 -42.77 -34.81 -64.17
C SER A 345 -41.76 -35.63 -63.36
N VAL A 346 -42.22 -36.74 -62.80
CA VAL A 346 -41.31 -37.64 -62.06
C VAL A 346 -40.39 -38.40 -63.01
N GLU A 347 -40.86 -38.67 -64.21
CA GLU A 347 -40.06 -39.35 -65.23
C GLU A 347 -38.91 -38.46 -65.68
N ASP A 348 -39.21 -37.18 -65.90
CA ASP A 348 -38.23 -36.19 -66.31
C ASP A 348 -37.12 -36.04 -65.26
N LEU A 349 -37.49 -36.16 -63.99
CA LEU A 349 -36.54 -35.93 -62.91
C LEU A 349 -35.54 -37.07 -62.80
N LYS A 350 -35.99 -38.30 -63.06
CA LYS A 350 -35.14 -39.49 -62.92
C LYS A 350 -33.92 -39.42 -63.83
N LYS A 351 -34.06 -38.67 -64.93
CA LYS A 351 -32.98 -38.49 -65.90
C LYS A 351 -31.82 -37.62 -65.37
N VAL A 352 -31.93 -37.19 -64.12
CA VAL A 352 -30.84 -36.47 -63.48
C VAL A 352 -29.95 -37.48 -62.78
N GLU A 353 -28.64 -37.30 -62.93
CA GLU A 353 -27.65 -38.18 -62.32
C GLU A 353 -27.74 -38.10 -60.80
N GLY A 354 -28.32 -39.13 -60.19
CA GLY A 354 -28.43 -39.19 -58.75
C GLY A 354 -29.87 -39.13 -58.26
N ILE A 355 -30.81 -39.05 -59.19
CA ILE A 355 -32.22 -39.05 -58.84
C ILE A 355 -32.89 -40.34 -59.31
N GLY A 356 -33.27 -41.16 -58.33
CA GLY A 356 -34.08 -42.33 -58.59
C GLY A 356 -35.54 -42.03 -58.32
N GLU A 357 -36.37 -43.07 -58.30
CA GLU A 357 -37.80 -42.90 -58.13
C GLU A 357 -38.13 -42.30 -56.76
N LYS A 358 -37.33 -42.61 -55.75
CA LYS A 358 -37.61 -42.12 -54.40
C LYS A 358 -37.40 -40.62 -54.34
N ARG A 359 -36.22 -40.17 -54.72
CA ARG A 359 -35.90 -38.74 -54.68
C ARG A 359 -36.70 -37.94 -55.69
N ALA A 360 -37.03 -38.55 -56.83
CA ALA A 360 -37.86 -37.86 -57.82
C ALA A 360 -39.25 -37.62 -57.24
N ARG A 361 -39.81 -38.62 -56.57
CA ARG A 361 -41.12 -38.46 -55.94
C ARG A 361 -41.10 -37.38 -54.86
N ALA A 362 -40.03 -37.37 -54.06
CA ALA A 362 -39.89 -36.41 -52.95
C ALA A 362 -39.86 -34.97 -53.45
N ILE A 363 -39.06 -34.72 -54.49
CA ILE A 363 -38.98 -33.42 -55.13
C ILE A 363 -40.37 -33.05 -55.62
N SER A 364 -40.94 -33.91 -56.46
CA SER A 364 -42.23 -33.70 -57.07
C SER A 364 -43.32 -33.40 -56.04
N GLU A 365 -43.52 -34.35 -55.12
CA GLU A 365 -44.61 -34.28 -54.17
C GLU A 365 -44.48 -33.13 -53.17
N SER A 366 -43.26 -32.88 -52.69
CA SER A 366 -43.12 -31.82 -51.70
C SER A 366 -43.30 -30.43 -52.34
N ILE A 367 -42.89 -30.28 -53.59
CA ILE A 367 -43.09 -28.99 -54.24
C ILE A 367 -44.59 -28.72 -54.45
N SER A 368 -45.35 -29.73 -54.83
CA SER A 368 -46.78 -29.54 -55.05
C SER A 368 -47.54 -29.35 -53.74
N SER A 369 -47.18 -30.13 -52.73
CA SER A 369 -47.74 -29.93 -51.39
C SER A 369 -47.54 -28.49 -50.91
N LEU A 370 -46.35 -27.92 -51.15
CA LEU A 370 -46.08 -26.54 -50.74
C LEU A 370 -46.92 -25.57 -51.57
N LYS A 371 -47.01 -25.82 -52.87
CA LYS A 371 -47.80 -24.95 -53.73
C LYS A 371 -49.28 -24.98 -53.32
N HIS A 372 -49.80 -26.16 -53.03
CA HIS A 372 -51.21 -26.30 -52.64
C HIS A 372 -51.48 -25.54 -51.34
N ARG A 373 -50.64 -25.80 -50.34
CA ARG A 373 -50.82 -25.23 -49.01
C ARG A 373 -50.45 -23.75 -48.85
N LYS A 374 -49.49 -23.27 -49.62
CA LYS A 374 -48.95 -21.93 -49.38
C LYS A 374 -49.45 -20.89 -50.40
N THR A 375 -49.90 -21.37 -51.55
CA THR A 375 -50.43 -20.47 -52.56
C THR A 375 -51.83 -20.91 -53.00
N VAL B 27 22.10 9.21 21.62
CA VAL B 27 21.23 9.62 20.54
C VAL B 27 21.83 10.74 19.69
N PRO B 28 22.40 10.39 18.51
CA PRO B 28 23.12 11.27 17.59
C PRO B 28 22.46 12.64 17.38
N GLN B 29 23.27 13.69 17.34
CA GLN B 29 22.78 15.07 17.33
C GLN B 29 21.95 15.43 16.07
N GLU B 30 22.41 14.99 14.89
CA GLU B 30 21.69 15.24 13.65
C GLU B 30 20.27 14.67 13.69
N LEU B 31 20.13 13.48 14.29
CA LEU B 31 18.84 12.84 14.48
C LEU B 31 17.94 13.62 15.45
N ILE B 32 18.55 14.30 16.43
CA ILE B 32 17.80 15.06 17.41
C ILE B 32 17.18 16.29 16.77
N GLU B 33 17.88 16.82 15.76
CA GLU B 33 17.38 17.93 14.97
C GLU B 33 16.07 17.58 14.25
N LYS B 34 15.95 16.34 13.78
CA LYS B 34 14.77 15.95 13.03
C LYS B 34 13.63 15.64 13.97
N ILE B 35 13.94 15.16 15.17
CA ILE B 35 12.89 14.85 16.14
C ILE B 35 12.21 16.13 16.64
N LYS B 36 12.92 17.24 16.63
CA LYS B 36 12.30 18.46 17.11
C LYS B 36 11.23 18.88 16.10
N LEU B 37 11.39 18.49 14.84
CA LEU B 37 10.38 18.77 13.83
C LEU B 37 8.96 18.30 14.23
N ILE B 38 8.88 17.26 15.04
CA ILE B 38 7.59 16.69 15.42
C ILE B 38 7.38 16.63 16.93
N SER B 39 8.04 17.53 17.64
CA SER B 39 7.88 17.67 19.09
C SER B 39 6.60 18.44 19.37
N PRO B 40 5.96 18.15 20.51
CA PRO B 40 4.77 18.88 20.93
C PRO B 40 5.03 20.38 20.87
N GLY B 41 4.12 21.10 20.20
CA GLY B 41 4.29 22.52 20.02
C GLY B 41 4.54 22.89 18.57
N THR B 42 4.96 21.93 17.76
CA THR B 42 5.07 22.19 16.32
C THR B 42 3.70 22.03 15.65
N GLU B 43 3.53 22.71 14.52
CA GLU B 43 2.31 22.59 13.75
C GLU B 43 2.19 21.17 13.22
N LEU B 44 3.33 20.64 12.77
CA LEU B 44 3.41 19.30 12.21
C LEU B 44 2.92 18.24 13.18
N ARG B 45 3.24 18.41 14.46
CA ARG B 45 2.86 17.42 15.46
C ARG B 45 1.40 17.55 15.81
N LYS B 46 0.88 18.78 15.75
CA LYS B 46 -0.57 18.98 15.89
C LYS B 46 -1.33 18.24 14.77
N ALA B 47 -0.78 18.27 13.56
CA ALA B 47 -1.43 17.64 12.43
C ALA B 47 -1.40 16.13 12.57
N LEU B 48 -0.24 15.59 12.96
CA LEU B 48 -0.09 14.15 13.15
C LEU B 48 -0.97 13.63 14.28
N ASP B 49 -1.19 14.47 15.30
CA ASP B 49 -2.06 14.08 16.41
C ASP B 49 -3.50 14.02 15.94
N ASP B 50 -3.87 14.97 15.07
CA ASP B 50 -5.20 14.96 14.48
C ASP B 50 -5.39 13.74 13.59
N ILE B 51 -4.36 13.42 12.80
CA ILE B 51 -4.39 12.25 11.95
C ILE B 51 -4.56 10.97 12.79
N ILE B 52 -3.70 10.81 13.78
CA ILE B 52 -3.81 9.69 14.71
C ILE B 52 -5.20 9.63 15.36
N ASN B 53 -5.68 10.78 15.85
CA ASN B 53 -6.98 10.80 16.49
C ASN B 53 -8.11 10.36 15.56
N ALA B 54 -7.91 10.55 14.26
CA ALA B 54 -8.94 10.21 13.27
C ALA B 54 -8.78 8.78 12.73
N ASN B 55 -7.68 8.13 13.11
CA ASN B 55 -7.29 6.84 12.57
C ASN B 55 -7.14 6.88 11.07
N PHE B 56 -6.57 7.99 10.59
CA PHE B 56 -6.02 8.03 9.25
C PHE B 56 -4.55 7.57 9.38
N GLY B 57 -3.99 7.04 8.30
CA GLY B 57 -2.57 6.76 8.29
C GLY B 57 -1.87 7.93 7.66
N ALA B 58 -0.55 7.90 7.62
CA ALA B 58 0.18 8.90 6.86
C ALA B 58 1.53 8.38 6.50
N LEU B 59 2.00 8.85 5.36
CA LEU B 59 3.33 8.54 4.88
C LEU B 59 3.84 9.86 4.29
N ILE B 60 4.79 10.47 5.00
CA ILE B 60 5.27 11.82 4.75
C ILE B 60 6.76 11.86 4.51
N PHE B 61 7.13 12.40 3.35
CA PHE B 61 8.49 12.51 2.79
C PHE B 61 8.95 13.97 2.83
N LEU B 62 10.09 14.26 3.45
CA LEU B 62 10.57 15.65 3.58
C LEU B 62 11.76 15.92 2.68
N VAL B 63 11.55 16.70 1.63
CA VAL B 63 12.63 17.05 0.70
C VAL B 63 12.70 18.54 0.56
N ASP B 64 13.75 19.08 -0.07
CA ASP B 64 13.70 20.50 -0.37
C ASP B 64 13.62 20.78 -1.86
N ASP B 65 14.26 19.95 -2.69
CA ASP B 65 14.12 20.11 -4.14
C ASP B 65 13.30 18.98 -4.77
N PRO B 66 11.97 19.15 -4.79
CA PRO B 66 11.03 18.12 -5.27
C PRO B 66 11.36 17.64 -6.68
N LYS B 67 12.05 18.49 -7.45
CA LYS B 67 12.40 18.18 -8.83
C LYS B 67 13.43 17.06 -8.92
N LYS B 68 14.36 17.05 -7.97
CA LYS B 68 15.45 16.08 -7.98
C LYS B 68 15.06 14.71 -7.42
N TYR B 69 13.76 14.46 -7.29
CA TYR B 69 13.30 13.21 -6.69
C TYR B 69 12.21 12.51 -7.47
N GLU B 70 11.96 12.95 -8.69
CA GLU B 70 10.79 12.42 -9.38
C GLU B 70 11.03 11.00 -9.90
N ASP B 71 12.22 10.46 -9.60
CA ASP B 71 12.46 9.04 -9.80
C ASP B 71 11.85 8.20 -8.65
N VAL B 72 11.78 8.77 -7.44
CA VAL B 72 11.13 8.06 -6.34
C VAL B 72 9.70 8.56 -6.05
N ILE B 73 9.35 9.73 -6.56
CA ILE B 73 8.00 10.26 -6.39
C ILE B 73 7.26 10.06 -7.69
N GLN B 74 6.15 9.33 -7.64
CA GLN B 74 5.33 9.02 -8.81
C GLN B 74 3.87 9.28 -8.53
N GLY B 75 3.13 9.54 -9.60
CA GLY B 75 1.69 9.76 -9.53
C GLY B 75 1.35 10.93 -8.63
N GLY B 76 0.18 10.85 -8.01
CA GLY B 76 -0.24 11.85 -7.04
C GLY B 76 -0.64 13.14 -7.71
N PHE B 77 -0.81 14.19 -6.92
CA PHE B 77 -1.13 15.52 -7.40
C PHE B 77 -0.01 16.45 -6.97
N TRP B 78 0.47 17.27 -7.92
CA TRP B 78 1.43 18.32 -7.60
C TRP B 78 0.68 19.53 -7.01
N LEU B 79 1.12 19.99 -5.84
CA LEU B 79 0.37 21.00 -5.09
C LEU B 79 1.14 22.32 -5.01
N ASP B 80 2.37 22.26 -4.49
CA ASP B 80 3.19 23.45 -4.25
C ASP B 80 2.39 24.56 -3.57
N THR B 81 2.04 24.34 -2.31
CA THR B 81 1.16 25.24 -1.57
C THR B 81 1.63 25.40 -0.14
N ASP B 82 1.20 26.49 0.51
CA ASP B 82 1.66 26.79 1.86
C ASP B 82 1.15 25.73 2.83
N PHE B 83 2.01 25.36 3.78
CA PHE B 83 1.70 24.31 4.75
C PHE B 83 0.71 24.78 5.81
N SER B 84 -0.09 23.86 6.30
CA SER B 84 -0.94 24.12 7.46
C SER B 84 -1.35 22.77 8.00
N ALA B 85 -1.65 22.71 9.29
CA ALA B 85 -2.04 21.44 9.90
C ALA B 85 -3.37 20.91 9.35
N GLU B 86 -4.31 21.82 9.09
CA GLU B 86 -5.61 21.45 8.53
C GLU B 86 -5.44 20.87 7.15
N LYS B 87 -4.49 21.42 6.40
CA LYS B 87 -4.27 20.98 5.02
C LYS B 87 -3.65 19.60 4.97
N LEU B 88 -2.63 19.37 5.81
CA LEU B 88 -2.01 18.06 5.94
C LEU B 88 -3.05 17.03 6.35
N TYR B 89 -3.86 17.39 7.33
CA TYR B 89 -4.90 16.49 7.84
C TYR B 89 -5.89 16.15 6.72
N GLU B 90 -6.30 17.15 5.97
CA GLU B 90 -7.22 16.94 4.85
C GLU B 90 -6.62 16.00 3.77
N LEU B 91 -5.39 16.27 3.35
CA LEU B 91 -4.72 15.43 2.37
C LEU B 91 -4.44 13.98 2.81
N SER B 92 -4.39 13.73 4.11
CA SER B 92 -4.07 12.38 4.57
C SER B 92 -5.32 11.50 4.53
N LYS B 93 -6.44 12.08 4.14
CA LYS B 93 -7.64 11.30 3.87
C LYS B 93 -7.45 10.45 2.62
N MET B 94 -6.57 10.88 1.72
CA MET B 94 -6.31 10.12 0.49
C MET B 94 -5.26 9.04 0.77
N ASP B 95 -5.17 8.02 -0.08
CA ASP B 95 -4.08 7.04 0.03
C ASP B 95 -2.74 7.68 -0.30
N GLY B 96 -1.68 6.91 -0.15
CA GLY B 96 -0.40 7.32 -0.69
C GLY B 96 0.29 8.31 0.22
N ALA B 97 1.28 8.97 -0.36
CA ALA B 97 2.23 9.72 0.42
C ALA B 97 2.03 11.22 0.25
N ILE B 98 2.49 11.99 1.22
CA ILE B 98 2.49 13.44 1.14
C ILE B 98 3.93 13.95 1.20
N VAL B 99 4.27 14.90 0.35
CA VAL B 99 5.63 15.41 0.27
C VAL B 99 5.68 16.83 0.81
N LEU B 100 6.46 17.04 1.87
CA LEU B 100 6.63 18.37 2.44
C LEU B 100 8.03 18.88 2.18
N SER B 101 8.19 20.20 2.18
CA SER B 101 9.51 20.79 2.26
C SER B 101 10.15 20.45 3.61
N GLU B 102 11.48 20.47 3.65
CA GLU B 102 12.23 20.09 4.86
C GLU B 102 12.01 21.03 6.03
N ASP B 103 11.84 22.32 5.72
CA ASP B 103 11.53 23.30 6.74
C ASP B 103 10.04 23.33 7.10
N ILE B 104 9.28 22.49 6.39
CA ILE B 104 7.85 22.28 6.65
C ILE B 104 7.04 23.57 6.46
N THR B 105 7.35 24.26 5.37
CA THR B 105 6.62 25.45 4.97
C THR B 105 5.81 25.23 3.68
N LYS B 106 6.12 24.18 2.93
CA LYS B 106 5.40 23.89 1.69
C LYS B 106 4.85 22.47 1.64
N ILE B 107 3.64 22.33 1.12
CA ILE B 107 3.17 21.01 0.71
C ILE B 107 3.38 20.87 -0.80
N TYR B 108 4.29 19.96 -1.18
CA TYR B 108 4.62 19.78 -2.60
C TYR B 108 3.71 18.81 -3.31
N TYR B 109 3.43 17.68 -2.67
CA TYR B 109 2.69 16.60 -3.32
C TYR B 109 1.70 15.94 -2.36
N ALA B 110 0.63 15.38 -2.92
CA ALA B 110 -0.26 14.49 -2.17
C ALA B 110 -0.58 13.23 -2.97
N ASN B 111 -0.96 12.16 -2.27
CA ASN B 111 -1.46 10.94 -2.90
C ASN B 111 -0.40 10.30 -3.81
N VAL B 112 0.88 10.39 -3.43
CA VAL B 112 1.89 9.88 -4.35
C VAL B 112 2.28 8.45 -4.02
N HIS B 113 2.88 7.82 -5.00
CA HIS B 113 3.37 6.46 -4.92
C HIS B 113 4.87 6.55 -4.78
N LEU B 114 5.37 6.22 -3.59
CA LEU B 114 6.81 6.26 -3.34
C LEU B 114 7.44 4.94 -3.75
N VAL B 115 8.49 5.02 -4.55
CA VAL B 115 9.08 3.81 -5.07
C VAL B 115 10.58 3.71 -4.76
N PRO B 116 10.93 3.42 -3.50
CA PRO B 116 12.37 3.29 -3.26
C PRO B 116 12.88 1.96 -3.79
N ASP B 117 14.19 1.85 -3.99
CA ASP B 117 14.80 0.62 -4.51
C ASP B 117 14.58 -0.60 -3.58
N PRO B 118 13.97 -1.67 -4.10
CA PRO B 118 13.61 -2.82 -3.25
C PRO B 118 14.77 -3.72 -2.83
N THR B 119 16.00 -3.40 -3.24
CA THR B 119 17.16 -4.17 -2.79
C THR B 119 17.80 -3.54 -1.54
N ILE B 120 17.21 -2.44 -1.08
CA ILE B 120 17.63 -1.84 0.17
C ILE B 120 17.06 -2.65 1.32
N PRO B 121 17.94 -3.19 2.18
CA PRO B 121 17.47 -4.00 3.30
C PRO B 121 16.56 -3.21 4.22
N THR B 122 15.48 -3.85 4.66
CA THR B 122 14.59 -3.26 5.63
C THR B 122 14.24 -4.26 6.73
N GLY B 123 14.17 -3.78 7.96
CA GLY B 123 13.74 -4.62 9.06
C GLY B 123 12.24 -4.54 9.29
N GLU B 124 11.53 -3.78 8.45
CA GLU B 124 10.11 -3.55 8.71
C GLU B 124 9.17 -4.56 8.06
N THR B 125 7.99 -4.66 8.65
CA THR B 125 6.84 -5.38 8.09
C THR B 125 5.88 -4.33 7.59
N GLY B 126 5.17 -4.61 6.50
CA GLY B 126 4.12 -3.71 6.05
C GLY B 126 4.58 -2.73 5.02
N THR B 127 3.80 -2.54 3.96
CA THR B 127 4.26 -1.76 2.81
C THR B 127 4.54 -0.30 3.18
N ARG B 128 3.76 0.27 4.09
CA ARG B 128 4.00 1.66 4.44
C ARG B 128 5.38 1.83 5.13
N HIS B 129 5.64 1.01 6.14
CA HIS B 129 6.84 1.15 6.95
C HIS B 129 8.09 0.67 6.21
N ARG B 130 7.96 -0.39 5.41
CA ARG B 130 9.06 -0.81 4.55
C ARG B 130 9.41 0.27 3.53
N THR B 131 8.39 0.90 2.95
CA THR B 131 8.62 2.01 2.04
C THR B 131 9.36 3.13 2.76
N ALA B 132 8.88 3.47 3.96
CA ALA B 132 9.43 4.58 4.75
C ALA B 132 10.89 4.36 5.08
N GLU B 133 11.25 3.15 5.54
CA GLU B 133 12.62 2.89 5.91
C GLU B 133 13.53 2.94 4.69
N ARG B 134 13.07 2.35 3.58
CA ARG B 134 13.89 2.30 2.38
C ARG B 134 14.11 3.68 1.78
N LEU B 135 13.09 4.53 1.82
CA LEU B 135 13.23 5.88 1.26
C LEU B 135 14.19 6.74 2.12
N ALA B 136 14.11 6.57 3.43
CA ALA B 136 14.97 7.32 4.35
C ALA B 136 16.44 6.98 4.11
N LYS B 137 16.74 5.70 3.94
CA LYS B 137 18.11 5.25 3.67
C LYS B 137 18.58 5.71 2.30
N GLN B 138 17.78 5.42 1.27
CA GLN B 138 18.11 5.77 -0.11
C GLN B 138 18.43 7.26 -0.32
N THR B 139 17.76 8.15 0.40
CA THR B 139 17.87 9.59 0.14
C THR B 139 18.49 10.38 1.31
N GLY B 140 18.53 9.79 2.49
CA GLY B 140 19.07 10.48 3.64
C GLY B 140 18.13 11.57 4.11
N LYS B 141 16.85 11.39 3.78
CA LYS B 141 15.81 12.33 4.16
C LYS B 141 15.02 11.77 5.31
N VAL B 142 14.14 12.60 5.86
CA VAL B 142 13.16 12.17 6.84
C VAL B 142 11.92 11.60 6.16
N VAL B 143 11.45 10.45 6.65
CA VAL B 143 10.18 9.89 6.23
C VAL B 143 9.43 9.50 7.49
N ILE B 144 8.21 10.03 7.62
CA ILE B 144 7.38 9.73 8.76
C ILE B 144 6.24 8.80 8.35
N ALA B 145 6.07 7.74 9.12
CA ALA B 145 4.96 6.84 8.93
C ALA B 145 4.06 6.90 10.14
N VAL B 146 2.77 7.10 9.89
CA VAL B 146 1.77 6.98 10.91
C VAL B 146 0.90 5.75 10.62
N SER B 147 1.04 4.73 11.45
CA SER B 147 0.19 3.55 11.40
C SER B 147 -1.29 3.88 11.58
N ARG B 148 -2.15 3.29 10.76
CA ARG B 148 -3.56 3.68 10.74
C ARG B 148 -4.32 3.26 12.01
N ARG B 149 -4.19 2.00 12.41
CA ARG B 149 -4.96 1.49 13.57
C ARG B 149 -4.10 1.42 14.81
N ARG B 150 -2.78 1.33 14.63
CA ARG B 150 -1.91 1.19 15.79
C ARG B 150 -1.56 2.54 16.42
N ASN B 151 -1.74 3.62 15.67
CA ASN B 151 -1.59 4.96 16.19
C ASN B 151 -0.19 5.18 16.75
N ILE B 152 0.78 4.77 15.94
CA ILE B 152 2.20 4.95 16.22
C ILE B 152 2.79 5.92 15.20
N ILE B 153 3.65 6.83 15.64
CA ILE B 153 4.44 7.64 14.71
C ILE B 153 5.86 7.11 14.68
N SER B 154 6.32 6.68 13.51
CA SER B 154 7.70 6.25 13.36
C SER B 154 8.46 7.22 12.45
N LEU B 155 9.57 7.76 12.93
CA LEU B 155 10.38 8.66 12.14
C LEU B 155 11.59 7.92 11.62
N TYR B 156 11.84 8.02 10.32
CA TYR B 156 12.97 7.39 9.67
C TYR B 156 13.87 8.48 9.12
N TYR B 157 15.16 8.30 9.30
CA TYR B 157 16.11 9.30 8.87
C TYR B 157 17.40 8.57 8.67
N LYS B 158 17.86 8.55 7.42
CA LYS B 158 19.07 7.82 7.07
C LYS B 158 18.94 6.37 7.52
N ASN B 159 19.76 5.97 8.48
CA ASN B 159 19.75 4.60 8.99
C ASN B 159 19.13 4.51 10.36
N TYR B 160 18.61 5.64 10.83
CA TYR B 160 17.90 5.69 12.10
C TYR B 160 16.42 5.50 11.95
N LYS B 161 15.84 4.93 13.01
CA LYS B 161 14.40 4.85 13.21
C LYS B 161 14.11 5.43 14.60
N TYR B 162 13.09 6.27 14.72
CA TYR B 162 12.74 6.80 16.03
C TYR B 162 11.24 6.73 16.26
N VAL B 163 10.81 5.88 17.19
CA VAL B 163 9.38 5.84 17.49
C VAL B 163 9.06 7.01 18.42
N VAL B 164 8.08 7.81 18.03
CA VAL B 164 7.62 8.93 18.83
C VAL B 164 6.74 8.43 19.97
N ASN B 165 7.04 8.85 21.19
CA ASN B 165 6.17 8.54 22.32
C ASN B 165 5.05 9.59 22.43
N GLN B 166 3.87 9.15 22.83
CA GLN B 166 2.79 10.08 23.16
C GLN B 166 3.17 10.98 24.37
N VAL B 167 2.58 12.18 24.46
CA VAL B 167 2.88 13.09 25.57
C VAL B 167 2.51 12.50 26.93
N ASP B 168 1.33 11.89 27.02
CA ASP B 168 0.88 11.24 28.26
C ASP B 168 1.93 10.28 28.78
N PHE B 169 2.48 9.48 27.88
CA PHE B 169 3.51 8.52 28.26
C PHE B 169 4.71 9.27 28.84
N LEU B 170 5.24 10.20 28.05
CA LEU B 170 6.38 11.02 28.45
C LEU B 170 6.16 11.80 29.75
N ILE B 171 4.98 12.39 29.89
CA ILE B 171 4.66 13.13 31.11
C ILE B 171 4.58 12.19 32.31
N SER B 172 4.12 10.97 32.10
CA SER B 172 4.16 9.96 33.15
C SER B 172 5.60 9.64 33.57
N LYS B 173 6.48 9.36 32.60
CA LYS B 173 7.88 9.06 32.93
C LYS B 173 8.56 10.20 33.66
N VAL B 174 8.36 11.42 33.15
CA VAL B 174 9.05 12.60 33.68
C VAL B 174 8.53 12.92 35.11
N THR B 175 7.22 12.86 35.30
CA THR B 175 6.60 13.06 36.60
C THR B 175 7.13 12.08 37.66
N GLN B 176 7.20 10.80 37.30
CA GLN B 176 7.77 9.79 38.20
C GLN B 176 9.23 10.07 38.51
N ALA B 177 9.97 10.44 37.47
CA ALA B 177 11.37 10.74 37.57
C ALA B 177 11.66 11.89 38.56
N ILE B 178 10.93 13.01 38.41
CA ILE B 178 10.97 14.12 39.36
C ILE B 178 10.68 13.66 40.79
N SER B 179 9.67 12.82 40.90
CA SER B 179 9.19 12.31 42.16
C SER B 179 10.31 11.49 42.81
N THR B 180 11.04 10.73 41.98
CA THR B 180 12.16 9.92 42.39
C THR B 180 13.35 10.82 42.80
N LEU B 181 13.59 11.86 42.01
CA LEU B 181 14.61 12.85 42.31
C LEU B 181 14.37 13.55 43.63
N GLU B 182 13.12 13.91 43.92
CA GLU B 182 12.77 14.51 45.21
C GLU B 182 13.24 13.63 46.36
N LYS B 183 12.98 12.34 46.23
CA LYS B 183 13.34 11.36 47.22
C LYS B 183 14.86 11.26 47.42
N TYR B 184 15.61 11.18 46.33
CA TYR B 184 17.07 11.23 46.39
C TYR B 184 17.59 12.56 46.96
N LYS B 185 16.89 13.65 46.67
CA LYS B 185 17.32 14.96 47.12
C LYS B 185 17.11 15.14 48.63
N ASP B 186 16.01 14.61 49.16
CA ASP B 186 15.77 14.63 50.60
C ASP B 186 16.87 13.86 51.32
N ASN B 187 17.22 12.67 50.81
CA ASN B 187 18.30 11.87 51.39
C ASN B 187 19.67 12.50 51.23
N PHE B 188 19.89 13.19 50.11
CA PHE B 188 21.13 13.91 49.93
C PHE B 188 21.26 15.03 50.97
N ASN B 189 20.16 15.76 51.18
CA ASN B 189 20.19 16.87 52.12
C ASN B 189 20.47 16.39 53.54
N LYS B 190 19.91 15.24 53.89
CA LYS B 190 20.03 14.72 55.22
C LYS B 190 21.47 14.26 55.47
N LEU B 191 22.09 13.68 54.45
CA LEU B 191 23.46 13.21 54.57
C LEU B 191 24.36 14.41 54.73
N LEU B 192 24.07 15.41 53.92
CA LEU B 192 24.86 16.62 53.90
C LEU B 192 24.76 17.36 55.24
N SER B 193 23.57 17.43 55.82
CA SER B 193 23.43 18.09 57.10
C SER B 193 24.11 17.29 58.22
N GLU B 194 24.15 15.96 58.09
CA GLU B 194 24.92 15.14 59.03
C GLU B 194 26.41 15.40 58.87
N LEU B 195 26.89 15.43 57.62
CA LEU B 195 28.31 15.66 57.37
C LEU B 195 28.75 17.01 57.95
N GLU B 196 27.87 18.00 57.84
CA GLU B 196 28.19 19.34 58.29
C GLU B 196 28.46 19.37 59.79
N VAL B 197 27.71 18.58 60.54
CA VAL B 197 27.93 18.42 61.97
C VAL B 197 29.29 17.77 62.23
N LEU B 198 29.59 16.69 61.52
CA LEU B 198 30.87 16.00 61.68
C LEU B 198 32.04 16.87 61.22
N GLU B 199 31.81 17.70 60.22
CA GLU B 199 32.82 18.58 59.68
C GLU B 199 33.19 19.64 60.71
N LEU B 200 32.16 20.26 61.31
CA LEU B 200 32.35 21.31 62.30
C LEU B 200 32.93 20.80 63.61
N GLU B 201 32.79 19.50 63.86
CA GLU B 201 33.35 18.90 65.06
C GLU B 201 34.59 18.09 64.73
N ASN B 202 35.10 18.23 63.51
CA ASN B 202 36.26 17.48 63.05
C ASN B 202 36.24 15.97 63.35
N ARG B 203 35.12 15.31 63.04
CA ARG B 203 34.91 13.88 63.30
C ARG B 203 34.57 13.13 62.01
N VAL B 204 34.83 13.74 60.87
CA VAL B 204 34.44 13.13 59.60
C VAL B 204 35.27 11.89 59.28
N THR B 205 34.60 10.82 58.87
CA THR B 205 35.33 9.69 58.28
C THR B 205 35.12 9.67 56.77
N LEU B 206 35.97 8.92 56.09
CA LEU B 206 35.87 8.79 54.64
C LEU B 206 34.52 8.20 54.21
N ALA B 207 33.98 7.30 55.03
CA ALA B 207 32.69 6.70 54.73
C ALA B 207 31.58 7.75 54.70
N ASP B 208 31.64 8.71 55.61
CA ASP B 208 30.63 9.74 55.66
C ASP B 208 30.71 10.56 54.38
N VAL B 209 31.93 10.78 53.91
CA VAL B 209 32.15 11.57 52.70
C VAL B 209 31.67 10.82 51.46
N VAL B 210 32.12 9.58 51.33
CA VAL B 210 31.77 8.74 50.19
C VAL B 210 30.25 8.53 50.07
N ARG B 211 29.59 8.31 51.20
CA ARG B 211 28.15 8.11 51.25
C ARG B 211 27.40 9.32 50.69
N THR B 212 27.92 10.50 50.97
CA THR B 212 27.29 11.74 50.52
C THR B 212 27.56 12.00 49.03
N LEU B 213 28.79 11.76 48.60
CA LEU B 213 29.12 11.88 47.18
C LEU B 213 28.30 10.87 46.34
N ALA B 214 28.23 9.62 46.80
CA ALA B 214 27.49 8.57 46.12
C ALA B 214 26.06 8.98 45.83
N LYS B 215 25.38 9.53 46.83
CA LYS B 215 23.97 9.89 46.67
C LYS B 215 23.84 11.11 45.75
N GLY B 216 24.73 12.07 45.90
CA GLY B 216 24.86 13.12 44.91
C GLY B 216 25.05 12.57 43.49
N PHE B 217 25.92 11.58 43.32
CA PHE B 217 26.20 11.06 41.97
C PHE B 217 25.01 10.31 41.38
N GLU B 218 24.40 9.47 42.19
CA GLU B 218 23.18 8.75 41.81
C GLU B 218 22.07 9.73 41.39
N LEU B 219 21.92 10.80 42.16
CA LEU B 219 20.91 11.80 41.89
C LEU B 219 21.14 12.43 40.53
N LEU B 220 22.39 12.75 40.22
CA LEU B 220 22.71 13.41 38.98
C LEU B 220 22.65 12.47 37.77
N ARG B 221 22.93 11.18 37.99
CA ARG B 221 22.69 10.18 36.96
C ARG B 221 21.21 10.15 36.54
N ILE B 222 20.30 10.26 37.50
CA ILE B 222 18.87 10.26 37.21
C ILE B 222 18.53 11.43 36.30
N VAL B 223 19.08 12.61 36.58
CA VAL B 223 18.81 13.76 35.74
C VAL B 223 19.24 13.47 34.31
N GLU B 224 20.46 12.94 34.14
CA GLU B 224 20.97 12.58 32.82
C GLU B 224 20.07 11.58 32.07
N GLU B 225 19.60 10.56 32.77
CA GLU B 225 18.76 9.55 32.16
C GLU B 225 17.41 10.08 31.68
N ILE B 226 16.89 11.11 32.34
CA ILE B 226 15.55 11.59 32.02
C ILE B 226 15.60 12.73 31.01
N ARG B 227 16.80 13.27 30.78
CA ARG B 227 16.99 14.33 29.79
C ARG B 227 16.35 14.06 28.40
N PRO B 228 16.59 12.88 27.79
CA PRO B 228 15.96 12.67 26.48
C PRO B 228 14.42 12.71 26.50
N TYR B 229 13.80 12.26 27.58
CA TYR B 229 12.35 12.32 27.72
C TYR B 229 11.89 13.78 27.73
N ILE B 230 12.61 14.62 28.47
CA ILE B 230 12.32 16.04 28.55
C ILE B 230 12.56 16.74 27.20
N VAL B 231 13.58 16.30 26.48
CA VAL B 231 13.85 16.87 25.16
C VAL B 231 12.70 16.52 24.21
N GLU B 232 12.32 15.23 24.18
CA GLU B 232 11.20 14.80 23.36
C GLU B 232 9.90 15.51 23.72
N LEU B 233 9.76 15.98 24.96
CA LEU B 233 8.51 16.65 25.36
C LEU B 233 8.38 18.01 24.66
N GLY B 234 9.51 18.57 24.23
CA GLY B 234 9.47 19.86 23.57
C GLY B 234 8.85 20.95 24.44
N GLU B 235 7.98 21.75 23.85
CA GLU B 235 7.35 22.86 24.55
C GLU B 235 6.57 22.37 25.77
N GLU B 236 6.18 21.09 25.76
CA GLU B 236 5.39 20.53 26.85
C GLU B 236 6.25 20.11 28.05
N GLY B 237 7.55 20.28 27.93
CA GLY B 237 8.48 19.95 28.99
C GLY B 237 9.07 21.15 29.72
N ARG B 238 8.47 22.32 29.52
CA ARG B 238 8.95 23.56 30.16
C ARG B 238 8.88 23.50 31.70
N LEU B 239 7.73 23.13 32.23
CA LEU B 239 7.55 22.99 33.66
C LEU B 239 8.49 21.96 34.25
N ALA B 240 8.59 20.81 33.59
CA ALA B 240 9.51 19.75 33.99
C ALA B 240 10.94 20.25 34.13
N ARG B 241 11.36 21.08 33.18
CA ARG B 241 12.73 21.60 33.18
C ARG B 241 12.93 22.51 34.38
N MET B 242 11.93 23.35 34.64
CA MET B 242 11.95 24.22 35.79
C MET B 242 12.06 23.42 37.08
N GLN B 243 11.30 22.34 37.19
CA GLN B 243 11.37 21.48 38.36
C GLN B 243 12.74 20.87 38.51
N LEU B 244 13.30 20.38 37.40
CA LEU B 244 14.61 19.77 37.43
C LEU B 244 15.63 20.77 37.94
N ARG B 245 15.55 21.99 37.45
CA ARG B 245 16.55 22.98 37.78
C ARG B 245 16.47 23.34 39.28
N GLU B 246 15.27 23.57 39.83
CA GLU B 246 15.14 23.95 41.26
C GLU B 246 15.59 22.87 42.22
N LEU B 247 15.41 21.62 41.82
CA LEU B 247 15.79 20.47 42.60
C LEU B 247 17.29 20.23 42.64
N THR B 248 17.96 20.54 41.54
CA THR B 248 19.29 19.98 41.36
C THR B 248 20.34 21.01 41.02
N GLU B 249 19.98 22.28 41.03
CA GLU B 249 20.87 23.30 40.49
C GLU B 249 22.21 23.30 41.22
N ASP B 250 22.18 23.35 42.54
CA ASP B 250 23.41 23.57 43.29
C ASP B 250 24.14 22.28 43.69
N VAL B 251 23.53 21.14 43.37
CA VAL B 251 24.10 19.85 43.71
C VAL B 251 25.49 19.61 43.10
N ASP B 252 25.68 19.97 41.82
CA ASP B 252 26.99 19.73 41.20
C ASP B 252 28.12 20.60 41.79
N ASP B 253 27.85 21.89 42.02
CA ASP B 253 28.79 22.79 42.69
C ASP B 253 29.25 22.20 44.02
N LEU B 254 28.26 21.67 44.72
CA LEU B 254 28.45 21.13 46.04
C LEU B 254 29.28 19.83 46.02
N LEU B 255 29.01 18.97 45.04
CA LEU B 255 29.79 17.76 44.87
C LEU B 255 31.23 18.09 44.50
N VAL B 256 31.41 19.11 43.67
CA VAL B 256 32.75 19.57 43.30
C VAL B 256 33.51 20.08 44.52
N LEU B 257 32.85 20.87 45.36
CA LEU B 257 33.51 21.39 46.55
C LEU B 257 33.82 20.29 47.59
N LEU B 258 32.96 19.27 47.68
CA LEU B 258 33.25 18.13 48.57
C LEU B 258 34.53 17.42 48.12
N ILE B 259 34.64 17.20 46.81
CA ILE B 259 35.78 16.54 46.24
C ILE B 259 37.07 17.28 46.55
N MET B 260 37.08 18.60 46.34
CA MET B 260 38.27 19.40 46.66
C MET B 260 38.60 19.35 48.14
N ASP B 261 37.57 19.29 48.97
CA ASP B 261 37.78 19.28 50.40
C ASP B 261 38.35 17.96 50.92
N TYR B 262 37.96 16.84 50.32
CA TYR B 262 38.26 15.56 50.96
C TYR B 262 39.16 14.59 50.17
N SER B 263 39.59 15.00 48.98
CA SER B 263 40.48 14.14 48.18
C SER B 263 41.80 14.03 48.93
N SER B 264 42.49 12.91 48.72
CA SER B 264 43.71 12.58 49.48
C SER B 264 44.78 13.65 49.33
N GLU B 265 44.96 14.14 48.11
CA GLU B 265 45.82 15.30 47.93
C GLU B 265 45.08 16.44 47.24
N GLU B 266 45.59 17.65 47.45
CA GLU B 266 45.08 18.88 46.88
C GLU B 266 44.68 18.70 45.41
N VAL B 267 43.54 19.27 45.05
CA VAL B 267 42.92 19.00 43.75
C VAL B 267 42.41 20.32 43.17
N GLU B 268 42.64 20.55 41.88
CA GLU B 268 42.13 21.77 41.26
C GLU B 268 40.65 21.59 40.88
N GLU B 269 39.91 22.71 40.84
CA GLU B 269 38.47 22.69 40.57
C GLU B 269 38.10 21.93 39.31
N GLU B 270 38.93 22.07 38.26
CA GLU B 270 38.61 21.43 36.98
C GLU B 270 38.86 19.93 37.05
N THR B 271 39.89 19.53 37.78
CA THR B 271 40.08 18.12 38.09
C THR B 271 38.84 17.56 38.81
N ALA B 272 38.39 18.29 39.83
CA ALA B 272 37.22 17.89 40.61
C ALA B 272 35.99 17.77 39.70
N GLN B 273 35.85 18.72 38.77
CA GLN B 273 34.74 18.67 37.82
C GLN B 273 34.84 17.45 36.90
N ASN B 274 36.06 17.09 36.51
CA ASN B 274 36.26 15.94 35.63
C ASN B 274 35.93 14.65 36.35
N ILE B 275 36.18 14.62 37.66
CA ILE B 275 35.79 13.49 38.51
C ILE B 275 34.28 13.40 38.66
N LEU B 276 33.63 14.55 38.83
CA LEU B 276 32.17 14.61 38.85
C LEU B 276 31.60 14.02 37.57
N GLN B 277 32.05 14.55 36.44
CA GLN B 277 31.50 14.15 35.14
C GLN B 277 31.77 12.68 34.86
N ASP B 278 32.80 12.14 35.48
CA ASP B 278 33.14 10.74 35.28
C ASP B 278 32.18 9.82 36.04
N PHE B 279 31.79 10.21 37.24
CA PHE B 279 30.96 9.36 38.09
C PHE B 279 29.46 9.45 37.78
N ILE B 280 29.06 10.50 37.04
CA ILE B 280 27.72 10.55 36.49
C ILE B 280 27.58 9.61 35.28
N THR B 281 28.67 9.50 34.51
CA THR B 281 28.61 8.81 33.23
C THR B 281 29.37 7.48 33.23
N ARG B 282 30.68 7.52 33.02
CA ARG B 282 31.48 6.31 32.86
C ARG B 282 31.52 5.38 34.08
N ARG B 283 32.14 5.82 35.17
CA ARG B 283 32.32 4.97 36.36
C ARG B 283 31.02 4.84 37.16
N GLU B 284 30.87 3.70 37.83
CA GLU B 284 29.76 3.49 38.78
C GLU B 284 30.14 3.98 40.18
N PRO B 285 29.24 4.75 40.81
CA PRO B 285 29.48 5.40 42.12
C PRO B 285 29.38 4.46 43.33
N SER B 286 30.27 3.47 43.37
CA SER B 286 30.39 2.58 44.52
C SER B 286 31.39 3.13 45.55
N PRO B 287 31.17 2.81 46.83
CA PRO B 287 32.06 3.22 47.93
C PRO B 287 33.55 3.08 47.62
N ILE B 288 34.02 1.87 47.35
CA ILE B 288 35.45 1.67 47.09
C ILE B 288 35.93 2.48 45.90
N SER B 289 35.12 2.54 44.85
CA SER B 289 35.53 3.22 43.63
C SER B 289 35.73 4.72 43.86
N ILE B 290 34.78 5.34 44.56
CA ILE B 290 34.87 6.77 44.90
C ILE B 290 36.10 7.05 45.77
N SER B 291 36.27 6.27 46.82
CA SER B 291 37.38 6.48 47.75
C SER B 291 38.73 6.32 47.05
N ARG B 292 38.79 5.44 46.06
CA ARG B 292 40.05 5.20 45.39
C ARG B 292 40.33 6.33 44.41
N VAL B 293 39.30 6.76 43.72
CA VAL B 293 39.43 7.92 42.85
C VAL B 293 39.83 9.17 43.63
N LEU B 294 39.32 9.30 44.85
CA LEU B 294 39.70 10.40 45.75
C LEU B 294 41.12 10.25 46.26
N GLY B 295 41.74 9.11 45.98
CA GLY B 295 43.14 8.89 46.31
C GLY B 295 43.41 8.10 47.58
N TYR B 296 42.43 7.37 48.07
CA TYR B 296 42.66 6.56 49.26
C TYR B 296 42.80 5.08 48.88
N ASP B 297 43.92 4.49 49.26
CA ASP B 297 44.20 3.10 48.95
C ASP B 297 43.41 2.18 49.87
N VAL B 298 42.14 1.97 49.54
CA VAL B 298 41.26 1.14 50.34
C VAL B 298 40.82 -0.08 49.53
N GLN B 299 40.70 -1.24 50.19
CA GLN B 299 40.28 -2.46 49.51
C GLN B 299 38.85 -2.86 49.86
N GLN B 300 38.57 -3.00 51.14
CA GLN B 300 37.24 -3.39 51.58
C GLN B 300 36.43 -2.17 52.00
N ALA B 301 35.12 -2.23 51.83
CA ALA B 301 34.27 -1.06 52.08
C ALA B 301 34.19 -0.71 53.56
N ALA B 302 34.48 -1.67 54.44
CA ALA B 302 34.37 -1.44 55.89
C ALA B 302 35.60 -0.72 56.44
N GLN B 303 36.63 -0.61 55.59
CA GLN B 303 37.79 0.20 55.94
C GLN B 303 37.44 1.68 55.97
N LEU B 304 36.36 2.05 55.28
CA LEU B 304 36.07 3.46 55.06
C LEU B 304 35.69 4.20 56.32
N ASP B 305 35.00 3.53 57.24
CA ASP B 305 34.61 4.17 58.51
C ASP B 305 35.79 4.25 59.48
N ASP B 306 36.94 3.72 59.07
CA ASP B 306 38.11 3.73 59.95
C ASP B 306 39.13 4.74 59.47
N VAL B 307 38.83 5.39 58.36
CA VAL B 307 39.70 6.42 57.83
C VAL B 307 39.22 7.81 58.24
N LEU B 308 40.03 8.48 59.04
CA LEU B 308 39.75 9.84 59.49
C LEU B 308 40.20 10.82 58.41
N VAL B 309 39.36 11.82 58.14
CA VAL B 309 39.66 12.84 57.15
C VAL B 309 39.18 14.20 57.65
N SER B 310 39.90 15.25 57.29
CA SER B 310 39.52 16.61 57.67
C SER B 310 39.39 17.52 56.45
N ALA B 311 38.27 18.21 56.36
CA ALA B 311 37.98 19.09 55.24
C ALA B 311 38.96 20.27 55.14
N ARG B 312 39.37 20.57 53.90
CA ARG B 312 40.27 21.69 53.66
C ARG B 312 39.56 23.02 53.92
N GLY B 313 38.25 23.07 53.68
CA GLY B 313 37.49 24.27 53.99
C GLY B 313 36.88 25.01 52.82
N TYR B 314 37.12 24.53 51.61
CA TYR B 314 36.58 25.19 50.42
C TYR B 314 35.06 25.34 50.42
N ARG B 315 34.34 24.27 50.76
CA ARG B 315 32.88 24.30 50.78
C ARG B 315 32.37 25.41 51.71
N LEU B 316 32.82 25.44 52.95
CA LEU B 316 32.36 26.50 53.84
C LEU B 316 32.91 27.87 53.39
N LEU B 317 34.18 27.94 52.96
CA LEU B 317 34.71 29.22 52.49
C LEU B 317 33.91 29.79 51.32
N LYS B 318 33.49 28.93 50.39
CA LYS B 318 32.80 29.42 49.19
C LYS B 318 31.32 29.65 49.45
N THR B 319 30.67 28.63 49.99
CA THR B 319 29.23 28.62 50.22
C THR B 319 28.75 29.54 51.34
N VAL B 320 29.35 29.45 52.52
CA VAL B 320 28.87 30.24 53.64
C VAL B 320 29.57 31.59 53.77
N ALA B 321 30.87 31.64 53.52
CA ALA B 321 31.61 32.89 53.70
C ALA B 321 31.76 33.73 52.42
N ARG B 322 31.32 33.19 51.28
CA ARG B 322 31.36 33.88 49.99
C ARG B 322 32.76 34.30 49.56
N ILE B 323 33.74 33.44 49.81
CA ILE B 323 35.10 33.64 49.32
C ILE B 323 35.30 32.91 48.00
N PRO B 324 35.69 33.63 46.95
CA PRO B 324 36.02 32.99 45.66
C PRO B 324 37.12 31.93 45.83
N LEU B 325 37.03 30.82 45.09
CA LEU B 325 37.96 29.70 45.23
C LEU B 325 39.41 30.12 45.09
N SER B 326 39.67 31.02 44.15
CA SER B 326 41.03 31.51 43.89
C SER B 326 41.64 32.10 45.14
N ILE B 327 40.83 32.83 45.88
CA ILE B 327 41.30 33.38 47.14
C ILE B 327 41.17 32.30 48.24
N GLY B 328 40.27 31.36 48.03
CA GLY B 328 40.11 30.24 48.94
C GLY B 328 41.39 29.44 49.10
N TYR B 329 42.05 29.17 47.96
CA TYR B 329 43.32 28.46 47.93
C TYR B 329 44.31 29.07 48.92
N ASN B 330 44.32 30.39 48.98
CA ASN B 330 45.25 31.10 49.84
C ASN B 330 44.95 30.90 51.32
N VAL B 331 43.67 30.82 51.67
CA VAL B 331 43.29 30.60 53.06
C VAL B 331 43.67 29.18 53.45
N VAL B 332 43.40 28.23 52.56
CA VAL B 332 43.75 26.85 52.81
C VAL B 332 45.26 26.70 52.95
N ARG B 333 46.00 27.34 52.04
CA ARG B 333 47.45 27.16 51.97
C ARG B 333 48.09 27.51 53.29
N MET B 334 47.58 28.56 53.94
CA MET B 334 48.10 28.96 55.24
C MET B 334 47.54 28.14 56.44
N PHE B 335 46.25 27.79 56.43
CA PHE B 335 45.66 27.12 57.60
C PHE B 335 45.44 25.61 57.41
N LYS B 336 45.50 25.16 56.16
CA LYS B 336 45.50 23.74 55.79
C LYS B 336 44.14 23.04 55.99
N THR B 337 43.50 23.21 57.13
CA THR B 337 42.18 22.63 57.36
C THR B 337 41.19 23.65 57.86
N LEU B 338 39.90 23.31 57.68
CA LEU B 338 38.76 24.05 58.19
C LEU B 338 38.80 24.16 59.71
N ASP B 339 39.21 23.08 60.35
CA ASP B 339 39.43 23.13 61.80
C ASP B 339 40.37 24.27 62.22
N GLN B 340 41.51 24.39 61.54
CA GLN B 340 42.43 25.49 61.86
C GLN B 340 41.82 26.83 61.48
N ILE B 341 41.18 26.89 60.32
CA ILE B 341 40.52 28.12 59.88
C ILE B 341 39.53 28.57 60.93
N SER B 342 38.86 27.60 61.56
CA SER B 342 37.80 27.92 62.50
C SER B 342 38.37 28.45 63.80
N LYS B 343 39.66 28.25 64.01
CA LYS B 343 40.35 28.69 65.22
C LYS B 343 41.03 30.06 65.05
N ALA B 344 41.19 30.48 63.80
CA ALA B 344 41.91 31.72 63.51
C ALA B 344 41.19 32.97 64.02
N SER B 345 41.97 33.94 64.50
CA SER B 345 41.46 35.27 64.75
C SER B 345 41.29 36.02 63.44
N VAL B 346 40.67 37.19 63.51
CA VAL B 346 40.50 38.04 62.35
C VAL B 346 41.86 38.57 61.90
N GLU B 347 42.71 38.87 62.88
CA GLU B 347 44.08 39.26 62.62
C GLU B 347 44.80 38.19 61.81
N ASP B 348 44.82 36.97 62.35
CA ASP B 348 45.41 35.80 61.67
C ASP B 348 44.92 35.68 60.22
N LEU B 349 43.60 35.67 60.04
CA LEU B 349 43.01 35.53 58.70
C LEU B 349 43.46 36.65 57.77
N LYS B 350 43.63 37.85 58.32
CA LYS B 350 44.00 39.03 57.54
C LYS B 350 45.45 38.95 57.02
N LYS B 351 46.23 38.00 57.56
CA LYS B 351 47.57 37.71 57.05
C LYS B 351 47.58 36.97 55.69
N VAL B 352 46.40 36.66 55.16
CA VAL B 352 46.29 35.91 53.90
C VAL B 352 46.16 36.85 52.72
N GLU B 353 46.82 36.54 51.61
CA GLU B 353 46.62 37.31 50.40
C GLU B 353 45.18 37.21 49.96
N GLY B 354 44.50 38.36 49.94
CA GLY B 354 43.16 38.45 49.38
C GLY B 354 42.08 38.58 50.44
N ILE B 355 42.49 38.57 51.71
CA ILE B 355 41.55 38.68 52.81
C ILE B 355 41.83 39.98 53.55
N GLY B 356 40.89 40.91 53.40
CA GLY B 356 40.91 42.15 54.16
C GLY B 356 39.90 42.03 55.28
N GLU B 357 39.67 43.12 56.02
CA GLU B 357 38.83 43.06 57.21
C GLU B 357 37.44 42.51 56.93
N LYS B 358 36.87 42.83 55.77
CA LYS B 358 35.52 42.37 55.48
C LYS B 358 35.49 40.86 55.25
N ARG B 359 36.35 40.36 54.37
CA ARG B 359 36.43 38.92 54.15
C ARG B 359 36.86 38.20 55.43
N ALA B 360 37.83 38.76 56.17
CA ALA B 360 38.28 38.19 57.43
C ALA B 360 37.12 38.00 58.41
N ARG B 361 36.37 39.08 58.67
CA ARG B 361 35.15 38.99 59.49
C ARG B 361 34.14 37.98 58.93
N ALA B 362 33.99 37.95 57.61
CA ALA B 362 33.02 37.05 56.99
C ALA B 362 33.35 35.59 57.28
N ILE B 363 34.63 35.23 57.13
CA ILE B 363 35.05 33.86 57.43
C ILE B 363 34.89 33.60 58.93
N SER B 364 35.42 34.51 59.74
CA SER B 364 35.36 34.42 61.18
C SER B 364 33.94 34.20 61.68
N GLU B 365 33.03 35.07 61.26
CA GLU B 365 31.67 35.07 61.76
C GLU B 365 30.79 33.95 61.20
N SER B 366 30.99 33.60 59.92
CA SER B 366 30.20 32.52 59.29
C SER B 366 30.42 31.21 60.03
N ILE B 367 31.68 30.95 60.37
CA ILE B 367 32.05 29.70 60.97
C ILE B 367 31.60 29.60 62.42
N SER B 368 31.81 30.64 63.23
CA SER B 368 31.38 30.58 64.63
C SER B 368 29.85 30.57 64.72
N SER B 369 29.18 31.28 63.83
CA SER B 369 27.73 31.19 63.77
C SER B 369 27.23 29.77 63.37
N LEU B 370 27.86 29.13 62.41
CA LEU B 370 27.50 27.75 62.08
C LEU B 370 27.79 26.82 63.26
N LYS B 371 29.01 26.89 63.80
CA LYS B 371 29.36 26.14 65.02
C LYS B 371 28.37 26.31 66.19
N HIS B 372 28.08 27.54 66.59
CA HIS B 372 27.07 27.79 67.63
C HIS B 372 25.72 27.13 67.31
N ARG B 373 25.21 27.43 66.12
CA ARG B 373 23.89 26.97 65.74
C ARG B 373 23.79 25.46 65.53
N LYS B 374 24.87 24.79 65.09
CA LYS B 374 24.75 23.37 64.74
C LYS B 374 25.47 22.40 65.69
N THR B 375 26.29 22.88 66.61
CA THR B 375 27.07 21.97 67.47
C THR B 375 27.17 22.42 68.93
MN MN C . -1.38 -2.34 7.67
MN MN D . -26.40 -24.05 -38.41
PG 3AT E . -0.39 0.55 8.58
O1G 3AT E . 0.22 0.18 9.91
O2G 3AT E . -0.89 1.98 8.55
O3G 3AT E . -1.55 -0.32 8.27
PB 3AT E . 1.48 -0.86 6.94
O1B 3AT E . 2.99 -0.78 7.12
O2B 3AT E . 0.93 -2.12 7.55
O3B 3AT E . 0.78 0.43 7.54
PA 3AT E . -0.06 -1.18 4.58
O1A 3AT E . -1.17 -1.62 5.48
O2A 3AT E . 0.35 -2.38 3.75
O3A 3AT E . 1.23 -0.76 5.39
O5' 3AT E . -0.47 0.04 3.66
C5' 3AT E . -1.36 1.04 4.06
C4' 3AT E . -1.18 2.28 3.24
O4' 3AT E . 0.08 2.68 3.27
C3' 3AT E . -1.52 2.10 1.66
C2' 3AT E . -0.96 3.13 1.13
O2' 3AT E . -1.84 4.32 1.16
C1' 3AT E . 0.32 3.46 2.00
N9 3AT E . 1.35 3.00 1.38
C8 3AT E . 1.89 1.76 1.46
N7 3AT E . 2.95 1.71 0.62
C5 3AT E . 3.05 2.91 0.01
C6 3AT E . 3.95 3.36 -0.93
N6 3AT E . 5.05 2.78 -1.60
N1 3AT E . 3.86 4.61 -1.40
C2 3AT E . 2.86 5.44 -0.94
N3 3AT E . 1.97 4.98 -0.01
C4 3AT E . 2.07 3.72 0.47
PG 3AT F . -7.89 0.06 -3.26
O1G 3AT F . -8.03 0.99 -2.10
O2G 3AT F . -8.71 0.51 -4.44
O3G 3AT F . -8.32 -1.30 -2.78
PB 3AT F . -5.48 1.13 -4.22
O1B 3AT F . -6.15 2.43 -4.00
O2B 3AT F . -5.11 0.98 -5.66
O3B 3AT F . -6.38 -0.06 -3.73
PA 3AT F . -3.99 1.45 -1.83
O1A 3AT F . -3.03 2.59 -1.87
O2A 3AT F . -5.25 1.87 -1.19
O3A 3AT F . -4.19 1.05 -3.34
O5' 3AT F . -3.38 0.22 -1.04
C5' 3AT F . -4.23 -0.79 -0.53
C4' 3AT F . -3.52 -2.05 -0.17
O4' 3AT F . -2.99 -2.63 -1.24
C3' 3AT F . -2.28 -1.87 0.89
C2' 3AT F . -1.60 -2.97 0.77
O2' 3AT F . -2.10 -4.03 1.69
C1' 3AT F . -1.80 -3.44 -0.74
N9 3AT F . -0.74 -3.15 -1.44
C8 3AT F . -0.43 -1.98 -2.08
N7 3AT F . 0.75 -2.11 -2.69
C5 3AT F . 1.21 -3.35 -2.41
C6 3AT F . 2.39 -3.98 -2.77
N6 3AT F . 3.50 -3.59 -3.53
N1 3AT F . 2.64 -5.24 -2.38
C2 3AT F . 1.72 -5.90 -1.62
N3 3AT F . 0.55 -5.28 -1.25
C4 3AT F . 0.30 -3.99 -1.65
MN MN G . -7.03 2.90 -2.08
MN MN H . 25.20 24.05 39.46
#